data_7VPI
#
_entry.id   7VPI
#
_cell.length_a   1.00
_cell.length_b   1.00
_cell.length_c   1.00
_cell.angle_alpha   90.00
_cell.angle_beta   90.00
_cell.angle_gamma   90.00
#
_symmetry.space_group_name_H-M   'P 1'
#
loop_
_entity.id
_entity.type
_entity.pdbx_description
1 polymer 'Polyamine-transporting ATPase 13A2'
2 non-polymer 'PHOSPHOMETHYLPHOSPHONIC ACID ADENYLATE ESTER'
3 non-polymer 'MAGNESIUM ION'
#
_entity_poly.entity_id   1
_entity_poly.type   'polypeptide(L)'
_entity_poly.pdbx_seq_one_letter_code
;GPSRMSADSSPLVGSTPTGYGTLTIGTSIDPLSSSVSSVRLSGYCGSPWRVIGYHVVVWMMAGIPLLLFRWKPLWGVRLR
LRPCNLAHAETLVIEIRDKEDSSWQLFTVQVQTEAIGEGSLEPSPQSQAEDGRSQAAVGAVPEGAWKDTAQLHKSEEAVS
VGQKRVLRYYLFQGQRYIWIETQQAFYQVSLLDHGRSCDDVHRSRHGLSLQDQMVRKAIYGPNVISIPVKSYPQLLVDEA
LNPYYGFQAFSIALWLADHYYWYALCIFLISSISICLSLYKTRKQSQTLRDMVKLSMRVCVCRPGGEEEWVDSSELVPGD
CLVLPQEGGLMPCDAALVAGECMVNESSLTGESIPVLKTALPEGLGPYCAETHRRHTLFCGTLILQARAYVGPHVLAVVT
RTGFCTAKGGLVSSILHPRPINFKFYKHSMKFVAALSVLALLGTIYSIFILYRNRVPLNEIVIRALDLVTVVVPPALPAA
MTVCTLYAQSRLRRQGIFCIHPLRINLGGKLQLVCFDKTGTLTEDGLDVMGVVPLKGQAFLPLVPEPRRLPVGPLLRALA
TCHALSRLQDTPVGDPMDLKMVESTGWVLEEEPAADSAFGTQVLAVMRPPLWEPQLQAMEEPPVPVSVLHRFPFSSALQR
MSVVVAWPGATQPEAYVKGSPELVAGLCNPETVPTDFAQMLQSYTAAGYRVVALASKPLPTVPSLEAAQQLTRDTVEGDL
SLLGLLVMRNLLKPQTTPVIQALRRTRIRAVMVTGDNLQTAVTVARGCGMVAPQEHLIIVHATHPERGQPASLEFLPMES
PTAVNGVKDPDQAASYTVEPDPRSRHLALSGPTFGIIVKHFPKLLPKVLVQGTVFARMAPEQKTELVCELQKLQYCVGMC
GDGANDCGALKAADVGISLSQAEASVVSPFTSSMASIECVPMVIREGRCSLDTSFSVFKYMALYSLTQFISVLILYTINT
NLGDLQFLAIDLVITTTVAVLMSRTGPALVLGRVRPPGALLSVPVLSSLLLQMVLVTGVQLGGYFLTLAQPWFVPLNRTV
AAPDNLPNYENTVVFSLSSFQYLILAAAVSKGAPFRRPLYTNVPFLVALALLSSVLVGLVLVPGLLQGPLALRNITDTGF
KLLLLGLVTLNFVGAFMLESVLDQCLPACLRRLRPKRASKKRFKQLERELAEQPWPPLPAGPLR
;
_entity_poly.pdbx_strand_id   A
#
loop_
_chem_comp.id
_chem_comp.type
_chem_comp.name
_chem_comp.formula
ACP non-polymer 'PHOSPHOMETHYLPHOSPHONIC ACID ADENYLATE ESTER' 'C11 H18 N5 O12 P3'
MG non-polymer 'MAGNESIUM ION' 'Mg 2'
#
# COMPACT_ATOMS: atom_id res chain seq x y z
N GLN A 184 -5.41 -41.16 -7.01
CA GLN A 184 -4.03 -41.45 -7.49
C GLN A 184 -3.22 -40.14 -7.47
N ALA A 185 -3.58 -39.18 -8.32
CA ALA A 185 -2.97 -37.84 -8.47
C ALA A 185 -3.98 -36.75 -8.11
N PHE A 186 -3.59 -35.80 -7.25
CA PHE A 186 -4.47 -34.69 -6.75
C PHE A 186 -4.77 -33.75 -7.92
N TYR A 187 -6.00 -33.22 -7.98
CA TYR A 187 -6.50 -32.26 -9.00
C TYR A 187 -6.93 -30.97 -8.29
N GLN A 188 -6.58 -29.80 -8.86
CA GLN A 188 -6.88 -28.46 -8.28
C GLN A 188 -8.41 -28.24 -8.35
N VAL A 189 -9.02 -27.69 -7.30
CA VAL A 189 -10.49 -27.37 -7.24
C VAL A 189 -10.90 -26.51 -8.44
N SER A 190 -10.10 -25.51 -8.80
CA SER A 190 -10.25 -24.67 -10.03
C SER A 190 -10.24 -25.58 -11.28
N LEU A 191 -9.26 -26.48 -11.37
CA LEU A 191 -9.13 -27.50 -12.46
C LEU A 191 -10.37 -28.43 -12.47
N LEU A 192 -10.89 -28.81 -11.29
CA LEU A 192 -12.16 -29.59 -11.13
C LEU A 192 -13.35 -28.82 -11.73
N ASP A 193 -13.44 -27.49 -11.52
CA ASP A 193 -14.60 -26.64 -11.91
C ASP A 193 -14.12 -25.42 -12.72
N HIS A 194 -13.38 -25.65 -13.82
CA HIS A 194 -12.94 -24.60 -14.81
C HIS A 194 -13.80 -24.61 -16.09
N GLY A 195 -14.29 -25.78 -16.55
CA GLY A 195 -14.99 -25.95 -17.84
C GLY A 195 -16.52 -26.00 -17.73
N ARG A 196 -17.11 -25.46 -16.66
CA ARG A 196 -18.56 -25.65 -16.34
C ARG A 196 -19.35 -24.78 -17.33
N SER A 197 -20.40 -25.36 -17.94
CA SER A 197 -21.32 -24.65 -18.85
C SER A 197 -22.22 -23.64 -18.15
N CYS A 198 -22.64 -22.58 -18.88
CA CYS A 198 -23.74 -21.65 -18.44
C CYS A 198 -24.96 -22.49 -18.01
N ASP A 199 -25.33 -23.49 -18.82
CA ASP A 199 -26.37 -24.52 -18.52
C ASP A 199 -25.97 -25.30 -17.25
N ASP A 200 -24.71 -25.76 -17.16
CA ASP A 200 -24.19 -26.59 -16.03
C ASP A 200 -24.41 -25.89 -14.67
N VAL A 201 -24.24 -24.56 -14.58
CA VAL A 201 -24.47 -23.80 -13.30
C VAL A 201 -25.97 -23.97 -12.93
N HIS A 202 -26.88 -23.89 -13.91
CA HIS A 202 -28.34 -24.13 -13.72
C HIS A 202 -28.56 -25.62 -13.36
N ARG A 203 -27.86 -26.56 -14.01
CA ARG A 203 -27.89 -28.03 -13.67
C ARG A 203 -27.53 -28.24 -12.19
N SER A 204 -26.48 -27.55 -11.71
CA SER A 204 -25.99 -27.56 -10.30
C SER A 204 -27.08 -27.04 -9.34
N ARG A 205 -27.88 -26.02 -9.75
CA ARG A 205 -29.01 -25.46 -8.94
C ARG A 205 -30.02 -26.59 -8.63
N HIS A 206 -30.60 -26.53 -7.43
CA HIS A 206 -31.40 -27.61 -6.80
C HIS A 206 -30.54 -28.89 -6.69
N GLY A 207 -29.33 -28.74 -6.14
CA GLY A 207 -28.39 -29.84 -5.86
C GLY A 207 -28.86 -30.71 -4.70
N LEU A 208 -28.22 -31.88 -4.54
CA LEU A 208 -28.67 -32.96 -3.61
C LEU A 208 -28.48 -32.50 -2.16
N SER A 209 -29.37 -32.92 -1.26
CA SER A 209 -29.50 -32.38 0.13
C SER A 209 -28.32 -32.78 1.03
N LEU A 210 -27.84 -34.04 1.02
CA LEU A 210 -26.93 -34.59 2.09
C LEU A 210 -25.78 -35.43 1.51
N GLN A 211 -26.06 -36.60 0.90
CA GLN A 211 -25.03 -37.61 0.46
C GLN A 211 -23.96 -36.95 -0.45
N ASP A 212 -24.40 -36.28 -1.52
CA ASP A 212 -23.54 -35.49 -2.45
C ASP A 212 -22.84 -34.37 -1.65
N GLN A 213 -23.59 -33.63 -0.81
CA GLN A 213 -23.10 -32.54 0.06
C GLN A 213 -21.87 -33.03 0.84
N MET A 214 -22.02 -34.14 1.58
CA MET A 214 -20.98 -34.73 2.48
C MET A 214 -19.73 -35.07 1.66
N VAL A 215 -19.88 -35.84 0.58
CA VAL A 215 -18.73 -36.31 -0.27
C VAL A 215 -18.05 -35.09 -0.91
N ARG A 216 -18.81 -34.14 -1.50
CA ARG A 216 -18.27 -32.89 -2.10
C ARG A 216 -17.55 -32.05 -1.03
N LYS A 217 -18.17 -31.88 0.15
CA LYS A 217 -17.61 -31.11 1.30
C LYS A 217 -16.30 -31.77 1.77
N ALA A 218 -16.27 -33.11 1.90
CA ALA A 218 -15.05 -33.91 2.23
C ALA A 218 -13.94 -33.65 1.20
N ILE A 219 -14.25 -33.73 -0.10
CA ILE A 219 -13.28 -33.54 -1.23
C ILE A 219 -12.76 -32.09 -1.22
N TYR A 220 -13.64 -31.10 -1.18
CA TYR A 220 -13.30 -29.64 -1.19
C TYR A 220 -12.57 -29.24 0.10
N GLY A 221 -13.00 -29.77 1.26
CA GLY A 221 -12.58 -29.37 2.62
C GLY A 221 -13.54 -28.34 3.23
N PRO A 222 -13.50 -28.10 4.57
CA PRO A 222 -14.47 -27.23 5.25
C PRO A 222 -14.39 -25.76 4.81
N ASN A 223 -15.55 -25.08 4.69
CA ASN A 223 -15.63 -23.66 4.25
C ASN A 223 -15.31 -22.77 5.47
N VAL A 224 -14.03 -22.75 5.85
CA VAL A 224 -13.48 -21.98 7.00
C VAL A 224 -12.17 -21.32 6.57
N ILE A 225 -11.94 -20.07 6.99
CA ILE A 225 -10.66 -19.32 6.83
C ILE A 225 -9.51 -20.10 7.50
N SER A 226 -8.39 -20.32 6.79
CA SER A 226 -7.20 -21.08 7.26
C SER A 226 -6.18 -20.11 7.89
N ILE A 227 -6.56 -19.47 9.00
CA ILE A 227 -5.65 -18.73 9.93
C ILE A 227 -5.44 -19.63 11.14
N PRO A 228 -4.23 -20.21 11.39
CA PRO A 228 -3.97 -21.00 12.60
C PRO A 228 -4.11 -20.18 13.89
N VAL A 229 -4.78 -20.76 14.90
CA VAL A 229 -5.09 -20.13 16.22
C VAL A 229 -4.10 -20.73 17.24
N LYS A 230 -3.32 -19.89 17.92
CA LYS A 230 -2.22 -20.27 18.85
C LYS A 230 -2.54 -19.65 20.22
N SER A 231 -2.62 -20.46 21.29
CA SER A 231 -2.89 -20.02 22.69
C SER A 231 -1.83 -19.02 23.15
N TYR A 232 -0.55 -19.35 22.94
CA TYR A 232 0.71 -18.60 23.24
C TYR A 232 1.91 -19.55 23.14
N PRO A 233 2.05 -20.61 23.99
CA PRO A 233 3.24 -21.47 23.97
C PRO A 233 3.50 -22.14 22.61
N GLN A 234 2.41 -22.57 21.93
CA GLN A 234 2.38 -22.99 20.49
C GLN A 234 3.22 -22.04 19.62
N LEU A 235 3.03 -20.72 19.77
CA LEU A 235 3.84 -19.70 19.02
C LEU A 235 5.31 -19.71 19.50
N LEU A 236 5.56 -19.80 20.82
CA LEU A 236 6.90 -19.57 21.43
C LEU A 236 7.96 -20.52 20.84
N VAL A 237 7.70 -21.83 20.80
CA VAL A 237 8.57 -22.89 20.20
C VAL A 237 9.04 -22.46 18.79
N ASP A 238 8.11 -22.07 17.92
CA ASP A 238 8.37 -21.63 16.51
C ASP A 238 9.22 -20.35 16.57
N GLU A 239 8.77 -19.39 17.39
CA GLU A 239 9.41 -18.04 17.59
C GLU A 239 10.87 -18.16 18.03
N ALA A 240 11.19 -19.09 18.95
CA ALA A 240 12.56 -19.29 19.50
C ALA A 240 13.55 -19.87 18.48
N LEU A 241 13.11 -20.44 17.34
CA LEU A 241 14.01 -21.09 16.32
C LEU A 241 14.94 -20.10 15.59
N ASN A 242 14.88 -18.77 15.80
CA ASN A 242 15.68 -17.75 15.06
C ASN A 242 17.16 -17.89 15.43
N PRO A 243 18.13 -17.78 14.49
CA PRO A 243 19.53 -18.18 14.75
C PRO A 243 20.26 -17.33 15.81
N TYR A 244 20.08 -15.99 15.75
CA TYR A 244 20.51 -14.98 16.79
C TYR A 244 20.16 -15.48 18.20
N TYR A 245 18.94 -16.01 18.41
CA TYR A 245 18.39 -16.45 19.73
C TYR A 245 19.33 -17.54 20.29
N GLY A 246 19.72 -18.51 19.44
CA GLY A 246 20.71 -19.56 19.72
C GLY A 246 22.06 -19.00 20.12
N PHE A 247 22.59 -18.04 19.35
CA PHE A 247 23.90 -17.35 19.61
C PHE A 247 23.84 -16.65 20.97
N GLN A 248 22.77 -15.89 21.22
CA GLN A 248 22.55 -15.18 22.52
C GLN A 248 22.46 -16.18 23.67
N ALA A 249 21.73 -17.30 23.50
CA ALA A 249 21.61 -18.40 24.49
C ALA A 249 23.01 -18.97 24.80
N PHE A 250 23.80 -19.30 23.76
CA PHE A 250 25.23 -19.72 23.86
C PHE A 250 26.03 -18.66 24.63
N SER A 251 25.88 -17.38 24.26
CA SER A 251 26.57 -16.22 24.89
C SER A 251 26.25 -16.20 26.40
N ILE A 252 24.97 -16.32 26.78
CA ILE A 252 24.51 -16.31 28.21
C ILE A 252 25.29 -17.38 28.98
N ALA A 253 25.31 -18.62 28.46
CA ALA A 253 26.04 -19.79 29.03
C ALA A 253 27.55 -19.47 29.15
N LEU A 254 28.18 -18.96 28.07
CA LEU A 254 29.62 -18.53 28.01
C LEU A 254 29.91 -17.52 29.13
N TRP A 255 29.12 -16.44 29.21
CA TRP A 255 29.26 -15.36 30.24
C TRP A 255 29.03 -15.95 31.65
N LEU A 256 28.07 -16.87 31.81
CA LEU A 256 27.83 -17.65 33.08
C LEU A 256 29.08 -18.48 33.43
N ALA A 257 29.69 -19.16 32.44
CA ALA A 257 30.95 -19.94 32.62
C ALA A 257 32.11 -19.01 33.04
N ASP A 258 32.20 -17.82 32.43
CA ASP A 258 33.13 -16.72 32.87
C ASP A 258 32.75 -16.16 34.25
N HIS A 259 31.50 -16.36 34.72
CA HIS A 259 30.95 -15.94 36.04
C HIS A 259 30.60 -14.44 36.05
N TYR A 260 30.43 -13.80 34.87
CA TYR A 260 29.77 -12.46 34.70
C TYR A 260 28.25 -12.66 34.50
N TYR A 261 27.61 -13.34 35.47
CA TYR A 261 26.16 -13.40 35.78
C TYR A 261 25.40 -12.12 35.41
N TRP A 262 25.82 -10.94 35.90
CA TRP A 262 25.11 -9.64 35.66
C TRP A 262 24.97 -9.37 34.16
N TYR A 263 26.06 -9.47 33.38
CA TYR A 263 26.00 -9.22 31.92
C TYR A 263 25.05 -10.24 31.27
N ALA A 264 25.13 -11.51 31.68
CA ALA A 264 24.17 -12.58 31.29
C ALA A 264 22.73 -12.22 31.71
N LEU A 265 22.53 -11.69 32.93
CA LEU A 265 21.19 -11.25 33.45
C LEU A 265 20.58 -10.24 32.49
N CYS A 266 21.36 -9.24 32.05
CA CYS A 266 20.99 -8.26 30.99
C CYS A 266 20.71 -8.97 29.66
N ILE A 267 21.68 -9.78 29.18
CA ILE A 267 21.68 -10.39 27.80
C ILE A 267 20.37 -11.20 27.62
N PHE A 268 19.97 -12.00 28.62
CA PHE A 268 18.66 -12.70 28.67
C PHE A 268 17.52 -11.66 28.60
N LEU A 269 17.54 -10.64 29.46
CA LEU A 269 16.41 -9.67 29.65
C LEU A 269 16.14 -8.93 28.32
N ILE A 270 17.20 -8.45 27.65
CA ILE A 270 17.13 -7.74 26.34
C ILE A 270 16.53 -8.67 25.28
N SER A 271 16.99 -9.93 25.21
CA SER A 271 16.41 -11.00 24.33
C SER A 271 14.93 -11.22 24.68
N SER A 272 14.59 -11.24 25.98
CA SER A 272 13.20 -11.39 26.50
C SER A 272 12.32 -10.25 25.95
N ILE A 273 12.80 -8.99 26.03
CA ILE A 273 12.10 -7.81 25.44
C ILE A 273 11.95 -8.03 23.93
N SER A 274 13.03 -8.41 23.23
CA SER A 274 13.04 -8.73 21.76
C SER A 274 11.92 -9.72 21.45
N ILE A 275 11.86 -10.85 22.18
CA ILE A 275 10.90 -11.95 21.83
C ILE A 275 9.47 -11.48 22.13
N CYS A 276 9.23 -10.81 23.26
CA CYS A 276 7.89 -10.24 23.64
C CYS A 276 7.39 -9.29 22.55
N LEU A 277 8.26 -8.36 22.11
CA LEU A 277 7.89 -7.31 21.11
C LEU A 277 7.63 -7.98 19.75
N SER A 278 8.51 -8.91 19.32
CA SER A 278 8.34 -9.73 18.07
C SER A 278 7.01 -10.50 18.14
N LEU A 279 6.73 -11.15 19.28
CA LEU A 279 5.47 -11.92 19.54
C LEU A 279 4.30 -10.95 19.35
N TYR A 280 4.28 -9.80 20.06
CA TYR A 280 3.20 -8.77 19.98
C TYR A 280 3.00 -8.33 18.53
N LYS A 281 4.08 -7.92 17.85
CA LYS A 281 4.14 -7.51 16.41
C LYS A 281 3.45 -8.57 15.54
N THR A 282 3.93 -9.82 15.60
CA THR A 282 3.42 -11.00 14.83
C THR A 282 1.94 -11.22 15.18
N ARG A 283 1.59 -11.23 16.48
CA ARG A 283 0.22 -11.47 17.02
C ARG A 283 -0.74 -10.41 16.45
N LYS A 284 -0.37 -9.13 16.55
CA LYS A 284 -1.18 -7.96 16.05
C LYS A 284 -1.43 -8.12 14.54
N GLN A 285 -0.39 -8.38 13.74
CA GLN A 285 -0.47 -8.51 12.25
C GLN A 285 -1.47 -9.62 11.86
N SER A 286 -1.41 -10.79 12.50
CA SER A 286 -2.38 -11.91 12.29
C SER A 286 -3.78 -11.51 12.80
N GLN A 287 -3.87 -10.93 14.01
CA GLN A 287 -5.15 -10.56 14.70
C GLN A 287 -6.03 -9.67 13.82
N THR A 288 -5.51 -8.60 13.21
CA THR A 288 -6.26 -7.69 12.29
C THR A 288 -6.94 -8.53 11.19
N LEU A 289 -6.16 -9.38 10.50
CA LEU A 289 -6.59 -10.22 9.34
C LEU A 289 -7.65 -11.23 9.83
N ARG A 290 -7.34 -11.91 10.95
CA ARG A 290 -8.24 -12.90 11.61
C ARG A 290 -9.56 -12.21 12.02
N ASP A 291 -9.53 -10.98 12.55
CA ASP A 291 -10.74 -10.21 12.99
C ASP A 291 -11.65 -9.93 11.78
N MET A 292 -11.08 -9.55 10.61
CA MET A 292 -11.83 -9.36 9.32
C MET A 292 -12.60 -10.66 9.01
N VAL A 293 -11.88 -11.80 9.00
CA VAL A 293 -12.40 -13.12 8.55
C VAL A 293 -13.10 -13.92 9.67
N LYS A 294 -13.22 -13.39 10.92
CA LYS A 294 -13.98 -14.02 12.04
C LYS A 294 -15.44 -13.56 11.93
N LEU A 295 -16.20 -14.18 11.02
CA LEU A 295 -17.66 -14.00 10.86
C LEU A 295 -18.33 -15.34 10.53
N SER A 296 -19.38 -15.71 11.29
CA SER A 296 -20.23 -16.91 11.12
C SER A 296 -21.69 -16.57 11.42
N MET A 297 -22.62 -17.07 10.59
CA MET A 297 -24.09 -16.79 10.69
C MET A 297 -24.88 -17.97 10.11
N ARG A 298 -26.07 -18.24 10.66
CA ARG A 298 -26.95 -19.37 10.24
C ARG A 298 -27.46 -19.07 8.82
N VAL A 299 -27.43 -20.07 7.91
CA VAL A 299 -27.73 -19.92 6.45
C VAL A 299 -28.89 -20.87 6.09
N CYS A 300 -29.86 -20.34 5.33
CA CYS A 300 -30.98 -21.09 4.69
C CYS A 300 -30.44 -21.76 3.43
N VAL A 301 -30.55 -23.09 3.33
CA VAL A 301 -29.96 -23.93 2.22
C VAL A 301 -31.11 -24.68 1.51
N CYS A 302 -31.14 -24.62 0.18
CA CYS A 302 -32.19 -25.23 -0.69
C CYS A 302 -31.80 -26.68 -1.04
N ARG A 303 -32.67 -27.63 -0.67
CA ARG A 303 -32.62 -29.08 -1.02
C ARG A 303 -33.19 -29.25 -2.43
N PRO A 304 -32.92 -30.39 -3.14
CA PRO A 304 -33.37 -30.53 -4.53
C PRO A 304 -34.91 -30.48 -4.62
N GLY A 305 -35.61 -31.11 -3.66
CA GLY A 305 -37.04 -30.91 -3.35
C GLY A 305 -37.24 -30.38 -1.94
N GLY A 306 -36.57 -29.28 -1.58
CA GLY A 306 -36.72 -28.64 -0.25
C GLY A 306 -36.11 -27.25 -0.13
N GLU A 307 -36.42 -26.54 0.95
CA GLU A 307 -36.02 -25.12 1.22
C GLU A 307 -35.72 -24.95 2.72
N GLU A 308 -34.67 -25.62 3.21
CA GLU A 308 -34.29 -25.64 4.65
C GLU A 308 -33.73 -24.27 5.05
N GLU A 309 -33.94 -23.91 6.34
CA GLU A 309 -33.64 -22.57 6.93
C GLU A 309 -32.66 -22.75 8.10
N TRP A 310 -31.55 -21.99 8.12
CA TRP A 310 -30.55 -21.92 9.23
C TRP A 310 -29.92 -23.30 9.52
N VAL A 311 -29.74 -24.13 8.49
CA VAL A 311 -29.38 -25.58 8.65
C VAL A 311 -27.88 -25.67 8.92
N ASP A 312 -27.05 -24.99 8.13
CA ASP A 312 -25.55 -25.03 8.21
C ASP A 312 -24.95 -23.73 7.65
N SER A 313 -23.66 -23.50 7.91
CA SER A 313 -22.86 -22.34 7.41
C SER A 313 -21.43 -22.77 7.01
N SER A 314 -20.58 -23.14 7.98
CA SER A 314 -19.17 -23.58 7.78
C SER A 314 -19.06 -24.84 6.88
N GLU A 315 -20.14 -25.64 6.79
CA GLU A 315 -20.25 -26.92 6.07
C GLU A 315 -20.91 -26.70 4.70
N LEU A 316 -21.09 -25.44 4.22
CA LEU A 316 -21.85 -25.11 2.97
C LEU A 316 -21.23 -25.86 1.78
N VAL A 317 -22.07 -26.55 0.99
CA VAL A 317 -21.62 -27.55 -0.04
C VAL A 317 -21.02 -26.74 -1.20
N PRO A 318 -19.92 -27.21 -1.86
CA PRO A 318 -19.26 -26.46 -2.95
C PRO A 318 -20.15 -26.02 -4.12
N GLY A 319 -21.13 -26.87 -4.48
CA GLY A 319 -22.19 -26.59 -5.47
C GLY A 319 -23.54 -26.24 -4.83
N ASP A 320 -23.59 -25.74 -3.58
CA ASP A 320 -24.89 -25.57 -2.86
C ASP A 320 -25.69 -24.44 -3.53
N CYS A 321 -27.00 -24.63 -3.65
CA CYS A 321 -28.01 -23.62 -4.06
C CYS A 321 -28.72 -23.11 -2.80
N LEU A 322 -28.76 -21.78 -2.58
CA LEU A 322 -29.41 -21.15 -1.39
C LEU A 322 -30.29 -19.95 -1.81
N VAL A 323 -31.35 -19.70 -1.03
CA VAL A 323 -32.23 -18.49 -1.13
C VAL A 323 -31.56 -17.39 -0.30
N LEU A 324 -31.32 -16.22 -0.90
CA LEU A 324 -30.50 -15.15 -0.26
C LEU A 324 -31.42 -14.34 0.66
N PRO A 325 -30.93 -13.72 1.78
CA PRO A 325 -31.78 -12.91 2.66
C PRO A 325 -32.32 -11.63 1.99
N GLN A 326 -33.51 -11.18 2.42
CA GLN A 326 -34.29 -10.06 1.80
C GLN A 326 -33.48 -8.76 1.85
N GLU A 327 -32.93 -8.40 3.02
CA GLU A 327 -32.23 -7.09 3.25
C GLU A 327 -31.10 -7.25 4.29
N GLY A 328 -30.02 -6.48 4.11
CA GLY A 328 -28.88 -6.31 5.04
C GLY A 328 -28.20 -7.61 5.43
N GLY A 329 -27.99 -8.51 4.47
CA GLY A 329 -27.49 -9.89 4.68
C GLY A 329 -26.12 -10.10 4.04
N LEU A 330 -25.08 -10.37 4.85
CA LEU A 330 -23.72 -10.75 4.36
C LEU A 330 -23.80 -12.09 3.61
N MET A 331 -23.14 -12.19 2.44
CA MET A 331 -23.13 -13.39 1.55
C MET A 331 -21.92 -14.24 1.92
N PRO A 332 -22.07 -15.52 2.38
CA PRO A 332 -20.93 -16.34 2.81
C PRO A 332 -19.97 -16.84 1.72
N CYS A 333 -20.47 -17.19 0.52
CA CYS A 333 -19.72 -17.88 -0.57
C CYS A 333 -19.86 -17.14 -1.91
N ASP A 334 -18.90 -17.36 -2.81
CA ASP A 334 -18.92 -16.86 -4.21
C ASP A 334 -19.90 -17.72 -5.02
N ALA A 335 -21.12 -17.23 -5.25
CA ALA A 335 -22.26 -18.00 -5.82
C ALA A 335 -22.93 -17.25 -6.98
N ALA A 336 -23.04 -17.88 -8.16
CA ALA A 336 -23.76 -17.33 -9.34
C ALA A 336 -25.26 -17.30 -9.02
N LEU A 337 -25.93 -16.17 -9.30
CA LEU A 337 -27.36 -15.94 -8.98
C LEU A 337 -28.21 -16.56 -10.10
N VAL A 338 -28.94 -17.63 -9.81
CA VAL A 338 -29.63 -18.47 -10.84
C VAL A 338 -30.92 -17.74 -11.25
N ALA A 339 -31.64 -17.15 -10.28
CA ALA A 339 -32.93 -16.43 -10.47
C ALA A 339 -33.03 -15.19 -9.57
N GLY A 340 -33.75 -14.16 -10.06
CA GLY A 340 -34.02 -12.88 -9.35
C GLY A 340 -32.90 -11.87 -9.52
N GLU A 341 -33.00 -10.72 -8.84
CA GLU A 341 -32.01 -9.60 -8.86
C GLU A 341 -31.64 -9.22 -7.41
N CYS A 342 -30.38 -8.82 -7.20
CA CYS A 342 -29.79 -8.47 -5.88
C CYS A 342 -29.11 -7.09 -5.96
N MET A 343 -29.25 -6.28 -4.89
CA MET A 343 -28.48 -5.02 -4.65
C MET A 343 -27.52 -5.27 -3.49
N VAL A 344 -26.21 -5.10 -3.73
CA VAL A 344 -25.12 -5.54 -2.80
C VAL A 344 -24.10 -4.39 -2.63
N ASN A 345 -23.60 -4.21 -1.40
CA ASN A 345 -22.44 -3.34 -1.06
C ASN A 345 -21.18 -4.22 -1.11
N GLU A 346 -20.25 -3.89 -2.02
CA GLU A 346 -18.97 -4.62 -2.26
C GLU A 346 -17.77 -3.75 -1.84
N SER A 347 -17.98 -2.80 -0.91
CA SER A 347 -17.02 -1.72 -0.53
C SER A 347 -15.65 -2.30 -0.14
N SER A 348 -15.65 -3.30 0.75
CA SER A 348 -14.46 -4.08 1.16
C SER A 348 -13.81 -4.78 -0.05
N LEU A 349 -14.60 -5.45 -0.89
CA LEU A 349 -14.08 -6.37 -1.95
C LEU A 349 -13.46 -5.57 -3.10
N THR A 350 -14.19 -4.60 -3.66
CA THR A 350 -13.84 -3.81 -4.88
C THR A 350 -13.39 -2.38 -4.55
N GLY A 351 -13.32 -1.97 -3.28
CA GLY A 351 -13.18 -0.54 -2.92
C GLY A 351 -14.41 0.28 -3.29
N GLU A 352 -15.57 -0.36 -3.53
CA GLU A 352 -16.75 0.32 -4.17
C GLU A 352 -17.88 0.49 -3.15
N SER A 353 -17.91 1.67 -2.50
CA SER A 353 -18.92 2.12 -1.50
C SER A 353 -20.33 2.13 -2.11
N ILE A 354 -20.48 2.64 -3.34
CA ILE A 354 -21.78 2.76 -4.09
C ILE A 354 -22.41 1.36 -4.25
N PRO A 355 -23.76 1.21 -4.16
CA PRO A 355 -24.41 -0.10 -4.29
C PRO A 355 -24.27 -0.68 -5.71
N VAL A 356 -24.02 -1.99 -5.82
CA VAL A 356 -23.81 -2.72 -7.10
C VAL A 356 -25.04 -3.64 -7.33
N LEU A 357 -25.66 -3.51 -8.51
CA LEU A 357 -26.76 -4.38 -8.98
C LEU A 357 -26.22 -5.75 -9.37
N LYS A 358 -26.96 -6.82 -9.05
CA LYS A 358 -26.70 -8.25 -9.40
C LYS A 358 -27.95 -8.79 -10.11
N THR A 359 -27.76 -9.68 -11.09
CA THR A 359 -28.80 -10.17 -12.05
C THR A 359 -28.66 -11.69 -12.26
N ALA A 360 -29.76 -12.32 -12.67
CA ALA A 360 -29.90 -13.77 -12.92
C ALA A 360 -28.96 -14.20 -14.07
N LEU A 361 -28.29 -15.35 -13.93
CA LEU A 361 -27.38 -15.93 -14.95
C LEU A 361 -28.23 -16.47 -16.11
N PRO A 362 -27.81 -16.35 -17.41
CA PRO A 362 -28.49 -17.00 -18.54
C PRO A 362 -27.86 -18.35 -18.93
N GLU A 363 -28.59 -19.46 -18.70
CA GLU A 363 -28.29 -20.84 -19.18
C GLU A 363 -28.02 -20.85 -20.70
N GLY A 364 -27.02 -21.61 -21.12
CA GLY A 364 -26.46 -21.63 -22.49
C GLY A 364 -25.57 -22.84 -22.72
N LEU A 365 -25.44 -23.28 -23.98
CA LEU A 365 -24.68 -24.48 -24.39
C LEU A 365 -23.19 -24.25 -24.09
N GLY A 366 -22.70 -23.03 -24.36
CA GLY A 366 -21.37 -22.51 -23.99
C GLY A 366 -21.09 -22.60 -22.48
N PRO A 367 -19.89 -23.14 -22.07
CA PRO A 367 -19.34 -22.97 -20.71
C PRO A 367 -18.40 -21.77 -20.47
N TYR A 368 -18.82 -20.85 -19.57
CA TYR A 368 -18.04 -19.71 -19.04
C TYR A 368 -18.28 -19.63 -17.52
N CYS A 369 -17.23 -19.32 -16.76
CA CYS A 369 -17.26 -19.21 -15.28
C CYS A 369 -18.09 -17.99 -14.87
N ALA A 370 -18.75 -18.05 -13.71
CA ALA A 370 -19.48 -16.93 -13.07
C ALA A 370 -18.54 -15.72 -12.89
N GLU A 371 -17.31 -15.97 -12.41
CA GLU A 371 -16.18 -14.98 -12.36
C GLU A 371 -15.89 -14.45 -13.78
N THR A 372 -15.84 -15.32 -14.80
CA THR A 372 -15.61 -14.93 -16.23
C THR A 372 -16.74 -13.99 -16.69
N HIS A 373 -18.00 -14.21 -16.29
CA HIS A 373 -19.12 -13.24 -16.47
C HIS A 373 -18.81 -11.98 -15.65
N ARG A 374 -18.32 -12.14 -14.41
CA ARG A 374 -17.85 -11.08 -13.46
C ARG A 374 -19.01 -10.24 -12.93
N ARG A 375 -20.27 -10.69 -13.09
CA ARG A 375 -21.50 -9.93 -12.73
C ARG A 375 -22.56 -10.86 -12.10
N HIS A 376 -22.89 -12.02 -12.69
CA HIS A 376 -23.92 -12.97 -12.15
C HIS A 376 -23.46 -13.55 -10.80
N THR A 377 -22.15 -13.83 -10.63
CA THR A 377 -21.48 -14.19 -9.34
C THR A 377 -21.76 -13.15 -8.25
N LEU A 378 -22.09 -13.63 -7.03
CA LEU A 378 -22.19 -12.84 -5.78
C LEU A 378 -21.01 -13.28 -4.88
N PHE A 379 -20.18 -12.33 -4.48
CA PHE A 379 -18.82 -12.55 -3.96
C PHE A 379 -18.96 -12.79 -2.45
N CYS A 380 -18.06 -13.58 -1.86
CA CYS A 380 -18.02 -13.89 -0.40
C CYS A 380 -17.74 -12.61 0.41
N GLY A 381 -18.33 -12.50 1.60
CA GLY A 381 -18.14 -11.38 2.56
C GLY A 381 -18.69 -10.03 2.09
N THR A 382 -19.60 -9.99 1.09
CA THR A 382 -20.24 -8.76 0.57
C THR A 382 -21.66 -8.66 1.14
N LEU A 383 -22.01 -7.50 1.71
CA LEU A 383 -23.36 -7.22 2.29
C LEU A 383 -24.37 -7.09 1.14
N ILE A 384 -25.57 -7.67 1.29
CA ILE A 384 -26.72 -7.54 0.33
C ILE A 384 -27.64 -6.45 0.91
N LEU A 385 -27.64 -5.25 0.30
CA LEU A 385 -28.57 -4.13 0.65
C LEU A 385 -30.02 -4.59 0.52
N GLN A 386 -30.39 -5.19 -0.62
CA GLN A 386 -31.77 -5.73 -0.86
C GLN A 386 -31.71 -6.87 -1.89
N ALA A 387 -32.68 -7.79 -1.84
CA ALA A 387 -32.80 -8.97 -2.74
C ALA A 387 -34.26 -9.15 -3.18
N ARG A 388 -34.55 -9.13 -4.50
CA ARG A 388 -35.95 -9.20 -5.02
C ARG A 388 -36.01 -10.05 -6.30
N ALA A 389 -37.02 -10.93 -6.39
CA ALA A 389 -37.36 -11.79 -7.55
C ALA A 389 -38.71 -11.34 -8.13
N TYR A 390 -38.65 -10.56 -9.22
CA TYR A 390 -39.81 -10.07 -10.05
C TYR A 390 -40.76 -11.22 -10.44
N VAL A 391 -40.20 -12.33 -10.97
CA VAL A 391 -40.93 -13.53 -11.51
C VAL A 391 -40.82 -14.66 -10.46
N GLY A 392 -39.60 -14.95 -9.96
CA GLY A 392 -39.33 -16.01 -8.97
C GLY A 392 -39.98 -15.74 -7.61
N PRO A 393 -40.24 -16.78 -6.75
CA PRO A 393 -40.66 -16.56 -5.36
C PRO A 393 -39.61 -15.81 -4.52
N HIS A 394 -38.33 -16.20 -4.66
CA HIS A 394 -37.16 -15.55 -4.00
C HIS A 394 -35.89 -15.71 -4.85
N VAL A 395 -34.88 -14.89 -4.56
CA VAL A 395 -33.52 -14.92 -5.20
C VAL A 395 -32.78 -16.20 -4.76
N LEU A 396 -32.27 -17.00 -5.70
CA LEU A 396 -31.59 -18.30 -5.43
C LEU A 396 -30.26 -18.35 -6.18
N ALA A 397 -29.17 -18.72 -5.49
CA ALA A 397 -27.78 -18.69 -6.00
C ALA A 397 -27.08 -20.04 -5.77
N VAL A 398 -26.24 -20.44 -6.73
CA VAL A 398 -25.47 -21.73 -6.75
C VAL A 398 -23.99 -21.37 -6.53
N VAL A 399 -23.33 -21.95 -5.51
CA VAL A 399 -21.91 -21.65 -5.13
C VAL A 399 -20.99 -22.15 -6.26
N THR A 400 -19.98 -21.33 -6.62
CA THR A 400 -18.89 -21.64 -7.59
C THR A 400 -17.62 -21.84 -6.76
N ARG A 401 -16.58 -21.00 -6.90
CA ARG A 401 -15.25 -21.16 -6.26
C ARG A 401 -15.44 -20.79 -4.78
N THR A 402 -15.05 -21.68 -3.85
CA THR A 402 -15.31 -21.55 -2.39
C THR A 402 -14.30 -22.37 -1.56
N GLY A 403 -14.36 -22.21 -0.23
CA GLY A 403 -13.48 -22.84 0.78
C GLY A 403 -12.40 -21.90 1.31
N PHE A 404 -12.64 -20.58 1.32
CA PHE A 404 -11.70 -19.47 1.70
C PHE A 404 -10.62 -19.20 0.61
N CYS A 405 -10.44 -20.03 -0.42
CA CYS A 405 -9.33 -19.90 -1.42
C CYS A 405 -9.69 -18.93 -2.57
N THR A 406 -10.84 -18.23 -2.55
CA THR A 406 -11.27 -17.26 -3.60
C THR A 406 -11.93 -16.02 -2.97
N ALA A 407 -11.84 -14.89 -3.67
CA ALA A 407 -12.42 -13.56 -3.33
C ALA A 407 -11.91 -13.13 -1.93
N LYS A 408 -12.79 -12.84 -0.95
CA LYS A 408 -12.44 -12.18 0.35
C LYS A 408 -11.17 -12.84 0.95
N GLY A 409 -11.17 -14.18 0.98
CA GLY A 409 -10.06 -15.00 1.51
C GLY A 409 -8.88 -15.04 0.55
N GLY A 410 -9.11 -15.30 -0.74
CA GLY A 410 -8.09 -15.19 -1.82
C GLY A 410 -7.15 -14.00 -1.64
N LEU A 411 -7.70 -12.85 -1.20
CA LEU A 411 -6.91 -11.63 -0.89
C LEU A 411 -6.28 -11.71 0.51
N VAL A 412 -7.00 -12.15 1.56
CA VAL A 412 -6.41 -12.37 2.94
C VAL A 412 -5.28 -13.42 2.83
N SER A 413 -5.53 -14.52 2.09
CA SER A 413 -4.55 -15.58 1.74
C SER A 413 -3.31 -14.96 1.06
N SER A 414 -3.50 -13.96 0.20
CA SER A 414 -2.39 -13.14 -0.39
C SER A 414 -1.59 -12.46 0.74
N ILE A 415 -2.27 -11.87 1.74
CA ILE A 415 -1.64 -11.09 2.86
C ILE A 415 -0.78 -12.05 3.69
N LEU A 416 -1.29 -13.25 4.01
CA LEU A 416 -0.48 -14.38 4.57
C LEU A 416 0.53 -14.84 3.50
N HIS A 417 1.74 -15.25 3.90
CA HIS A 417 2.90 -15.60 3.00
C HIS A 417 2.98 -14.60 1.84
N PRO A 418 3.16 -13.28 2.11
CA PRO A 418 3.04 -12.24 1.08
C PRO A 418 4.18 -12.18 0.05
N ARG A 419 3.89 -11.56 -1.09
CA ARG A 419 4.84 -11.40 -2.25
C ARG A 419 6.04 -10.56 -1.82
N PRO A 420 7.31 -10.95 -2.15
CA PRO A 420 8.51 -10.19 -1.74
C PRO A 420 8.82 -8.98 -2.64
N ILE A 421 9.72 -8.10 -2.15
CA ILE A 421 10.30 -6.95 -2.91
C ILE A 421 11.70 -7.42 -3.36
N ASN A 422 12.02 -7.24 -4.66
CA ASN A 422 13.35 -7.62 -5.24
C ASN A 422 14.41 -6.63 -4.76
N PHE A 423 15.65 -7.10 -4.62
CA PHE A 423 16.88 -6.32 -4.27
C PHE A 423 16.67 -5.63 -2.92
N LYS A 424 16.29 -6.41 -1.90
CA LYS A 424 15.93 -5.92 -0.53
C LYS A 424 17.21 -5.36 0.12
N PHE A 425 17.15 -4.14 0.66
CA PHE A 425 18.32 -3.39 1.23
C PHE A 425 19.04 -4.20 2.32
N TYR A 426 18.38 -5.12 3.05
CA TYR A 426 19.02 -5.95 4.11
C TYR A 426 20.24 -6.71 3.53
N LYS A 427 20.19 -7.19 2.28
CA LYS A 427 21.36 -7.80 1.55
C LYS A 427 22.57 -6.84 1.53
N HIS A 428 22.32 -5.54 1.29
CA HIS A 428 23.37 -4.49 1.17
C HIS A 428 23.95 -4.25 2.57
N SER A 429 23.09 -4.23 3.61
CA SER A 429 23.50 -4.17 5.05
C SER A 429 24.30 -5.43 5.42
N MET A 430 23.87 -6.63 4.98
CA MET A 430 24.59 -7.93 5.19
C MET A 430 26.02 -7.84 4.61
N LYS A 431 26.20 -7.19 3.45
CA LYS A 431 27.55 -6.90 2.87
C LYS A 431 28.33 -6.01 3.86
N PHE A 432 27.70 -4.96 4.43
CA PHE A 432 28.36 -4.05 5.42
C PHE A 432 28.78 -4.82 6.68
N VAL A 433 27.97 -5.78 7.15
CA VAL A 433 28.31 -6.71 8.28
C VAL A 433 29.62 -7.44 7.96
N ALA A 434 29.87 -7.84 6.71
CA ALA A 434 31.12 -8.53 6.26
C ALA A 434 32.34 -7.62 6.50
N ALA A 435 32.24 -6.31 6.22
CA ALA A 435 33.28 -5.30 6.53
C ALA A 435 33.57 -5.29 8.04
N LEU A 436 32.53 -5.36 8.87
CA LEU A 436 32.66 -5.45 10.36
C LEU A 436 33.27 -6.82 10.74
N SER A 437 32.90 -7.92 10.04
CA SER A 437 33.42 -9.30 10.27
C SER A 437 34.96 -9.34 10.14
N VAL A 438 35.53 -8.62 9.16
CA VAL A 438 37.02 -8.43 9.00
C VAL A 438 37.58 -7.81 10.29
N LEU A 439 36.94 -6.75 10.81
CA LEU A 439 37.39 -6.04 12.05
C LEU A 439 37.30 -7.00 13.25
N ALA A 440 36.21 -7.79 13.34
CA ALA A 440 36.00 -8.82 14.39
C ALA A 440 37.14 -9.86 14.37
N LEU A 441 37.50 -10.37 13.19
CA LEU A 441 38.64 -11.32 12.98
C LEU A 441 39.95 -10.64 13.39
N LEU A 442 40.21 -9.42 12.90
CA LEU A 442 41.44 -8.61 13.21
C LEU A 442 41.58 -8.41 14.73
N GLY A 443 40.50 -8.02 15.41
CA GLY A 443 40.41 -7.94 16.89
C GLY A 443 40.75 -9.26 17.57
N THR A 444 40.16 -10.37 17.10
CA THR A 444 40.36 -11.74 17.65
C THR A 444 41.84 -12.15 17.56
N ILE A 445 42.52 -11.89 16.43
CA ILE A 445 43.97 -12.24 16.26
C ILE A 445 44.82 -11.33 17.17
N TYR A 446 44.50 -10.02 17.24
CA TYR A 446 45.13 -9.05 18.17
C TYR A 446 45.04 -9.59 19.60
N SER A 447 43.84 -10.02 20.02
CA SER A 447 43.58 -10.63 21.37
C SER A 447 44.48 -11.85 21.56
N ILE A 448 44.52 -12.77 20.57
CA ILE A 448 45.30 -14.05 20.63
C ILE A 448 46.77 -13.73 20.91
N PHE A 449 47.37 -12.79 20.15
CA PHE A 449 48.78 -12.32 20.35
C PHE A 449 48.92 -11.78 21.78
N ILE A 450 48.01 -10.89 22.22
CA ILE A 450 48.04 -10.24 23.57
C ILE A 450 47.99 -11.34 24.66
N LEU A 451 47.06 -12.29 24.54
CA LEU A 451 46.86 -13.43 25.51
C LEU A 451 48.12 -14.34 25.52
N TYR A 452 48.66 -14.69 24.35
CA TYR A 452 49.92 -15.47 24.20
C TYR A 452 51.08 -14.74 24.90
N ARG A 453 51.22 -13.43 24.67
CA ARG A 453 52.21 -12.54 25.38
C ARG A 453 51.93 -12.53 26.88
N ASN A 454 50.66 -12.38 27.30
CA ASN A 454 50.21 -12.38 28.72
C ASN A 454 50.54 -13.70 29.43
N ARG A 455 50.56 -14.83 28.69
CA ARG A 455 50.82 -16.21 29.18
C ARG A 455 49.68 -16.70 30.11
N VAL A 456 48.44 -16.24 29.85
CA VAL A 456 47.19 -16.72 30.53
C VAL A 456 46.93 -18.15 30.04
N PRO A 457 46.28 -19.05 30.85
CA PRO A 457 46.03 -20.44 30.42
C PRO A 457 45.22 -20.54 29.12
N LEU A 458 45.61 -21.42 28.19
CA LEU A 458 44.99 -21.58 26.82
C LEU A 458 43.47 -21.74 26.92
N ASN A 459 42.99 -22.63 27.80
CA ASN A 459 41.57 -22.78 28.24
C ASN A 459 40.95 -21.41 28.58
N GLU A 460 41.64 -20.59 29.40
CA GLU A 460 41.23 -19.21 29.78
C GLU A 460 41.21 -18.31 28.54
N ILE A 461 42.23 -18.39 27.65
CA ILE A 461 42.37 -17.46 26.48
C ILE A 461 41.17 -17.65 25.53
N VAL A 462 40.72 -18.91 25.35
CA VAL A 462 39.52 -19.29 24.52
C VAL A 462 38.31 -18.48 25.01
N ILE A 463 38.09 -18.38 26.33
CA ILE A 463 36.93 -17.66 26.96
C ILE A 463 37.04 -16.17 26.58
N ARG A 464 38.25 -15.60 26.59
CA ARG A 464 38.53 -14.18 26.25
C ARG A 464 38.23 -13.93 24.76
N ALA A 465 38.71 -14.81 23.88
CA ALA A 465 38.44 -14.81 22.42
C ALA A 465 36.92 -14.90 22.15
N LEU A 466 36.25 -15.86 22.80
CA LEU A 466 34.77 -16.08 22.71
C LEU A 466 34.02 -14.81 23.19
N ASP A 467 34.42 -14.23 24.32
CA ASP A 467 33.85 -12.95 24.85
C ASP A 467 34.02 -11.84 23.80
N LEU A 468 35.22 -11.70 23.21
CA LEU A 468 35.51 -10.69 22.14
C LEU A 468 34.52 -10.84 20.97
N VAL A 469 34.28 -12.07 20.48
CA VAL A 469 33.33 -12.34 19.36
C VAL A 469 31.90 -11.99 19.79
N THR A 470 31.45 -12.49 20.96
CA THR A 470 30.06 -12.28 21.46
C THR A 470 29.77 -10.78 21.69
N VAL A 471 30.73 -10.03 22.28
CA VAL A 471 30.64 -8.53 22.51
C VAL A 471 30.36 -7.83 21.17
N VAL A 472 31.02 -8.22 20.08
CA VAL A 472 30.89 -7.61 18.72
C VAL A 472 29.42 -7.73 18.25
N VAL A 473 28.76 -8.86 18.55
CA VAL A 473 27.29 -9.04 18.26
C VAL A 473 26.51 -8.05 19.13
N PRO A 474 25.58 -7.22 18.56
CA PRO A 474 24.76 -6.29 19.35
C PRO A 474 23.46 -6.93 19.83
N PRO A 475 23.16 -6.99 21.17
CA PRO A 475 21.95 -7.64 21.67
C PRO A 475 20.61 -6.95 21.38
N ALA A 476 20.56 -5.61 21.39
CA ALA A 476 19.32 -4.80 21.29
C ALA A 476 18.96 -4.43 19.84
N LEU A 477 19.80 -4.73 18.83
CA LEU A 477 19.53 -4.46 17.38
C LEU A 477 18.24 -5.15 16.92
N PRO A 478 18.04 -6.50 17.12
CA PRO A 478 16.86 -7.21 16.58
C PRO A 478 15.51 -6.61 17.03
N ALA A 479 15.39 -6.25 18.31
CA ALA A 479 14.24 -5.51 18.89
C ALA A 479 14.09 -4.14 18.23
N ALA A 480 15.19 -3.37 18.17
CA ALA A 480 15.24 -1.95 17.68
C ALA A 480 14.65 -1.85 16.26
N MET A 481 14.95 -2.83 15.39
CA MET A 481 14.41 -2.93 14.00
C MET A 481 12.88 -3.07 14.01
N THR A 482 12.30 -3.86 14.93
CA THR A 482 10.82 -4.02 15.07
C THR A 482 10.19 -2.70 15.54
N VAL A 483 10.78 -2.08 16.56
CA VAL A 483 10.24 -0.87 17.27
C VAL A 483 10.14 0.29 16.26
N CYS A 484 11.10 0.41 15.31
CA CYS A 484 11.06 1.39 14.17
C CYS A 484 9.72 1.28 13.41
N THR A 485 9.35 0.07 12.97
CA THR A 485 8.15 -0.20 12.11
C THR A 485 6.89 0.06 12.95
N LEU A 486 6.79 -0.58 14.13
CA LEU A 486 5.65 -0.47 15.09
C LEU A 486 5.38 1.00 15.45
N TYR A 487 6.41 1.82 15.65
CA TYR A 487 6.25 3.28 15.86
C TYR A 487 5.66 3.97 14.62
N ALA A 488 6.12 3.60 13.41
CA ALA A 488 5.65 4.20 12.14
C ALA A 488 4.18 3.80 11.87
N GLN A 489 3.81 2.52 12.05
CA GLN A 489 2.39 2.04 12.01
C GLN A 489 1.55 2.86 13.00
N SER A 490 2.04 3.06 14.23
CA SER A 490 1.44 3.94 15.29
C SER A 490 1.25 5.36 14.75
N ARG A 491 2.30 5.94 14.14
CA ARG A 491 2.28 7.31 13.56
C ARG A 491 1.22 7.40 12.45
N LEU A 492 1.13 6.40 11.57
CA LEU A 492 0.18 6.39 10.42
C LEU A 492 -1.25 6.12 10.91
N ARG A 493 -1.49 5.15 11.82
CA ARG A 493 -2.85 4.85 12.39
C ARG A 493 -3.53 6.14 12.90
N ARG A 494 -2.76 7.00 13.58
CA ARG A 494 -3.22 8.32 14.11
C ARG A 494 -3.55 9.27 12.93
N GLN A 495 -2.72 9.32 11.87
CA GLN A 495 -2.98 10.09 10.61
C GLN A 495 -4.19 9.54 9.82
N GLY A 496 -4.64 8.29 10.07
CA GLY A 496 -5.78 7.64 9.40
C GLY A 496 -5.35 6.71 8.26
N ILE A 497 -4.06 6.68 7.87
CA ILE A 497 -3.56 5.87 6.72
C ILE A 497 -3.32 4.44 7.24
N PHE A 498 -4.39 3.68 7.46
CA PHE A 498 -4.37 2.30 8.02
C PHE A 498 -3.51 1.41 7.10
N CYS A 499 -2.52 0.72 7.67
CA CYS A 499 -1.42 0.04 6.93
C CYS A 499 -1.42 -1.48 7.20
N ILE A 500 -1.01 -2.25 6.20
CA ILE A 500 -0.69 -3.70 6.25
C ILE A 500 0.66 -3.87 5.55
N HIS A 501 1.36 -4.99 5.83
CA HIS A 501 2.75 -5.28 5.38
C HIS A 501 3.64 -4.09 5.74
N PRO A 502 3.84 -3.76 7.05
CA PRO A 502 4.56 -2.54 7.44
C PRO A 502 5.98 -2.37 6.88
N LEU A 503 6.65 -3.47 6.47
CA LEU A 503 7.91 -3.48 5.65
C LEU A 503 7.77 -2.55 4.42
N ARG A 504 6.59 -2.46 3.79
CA ARG A 504 6.35 -1.60 2.59
C ARG A 504 6.45 -0.09 2.92
N ILE A 505 6.37 0.36 4.19
CA ILE A 505 6.42 1.83 4.52
C ILE A 505 7.74 2.42 4.01
N ASN A 506 8.87 1.71 4.16
CA ASN A 506 10.21 2.08 3.61
C ASN A 506 10.15 2.16 2.08
N LEU A 507 9.46 1.20 1.43
CA LEU A 507 9.25 1.16 -0.05
C LEU A 507 8.63 2.49 -0.51
N GLY A 508 7.65 3.01 0.24
CA GLY A 508 7.09 4.38 0.14
C GLY A 508 8.15 5.45 -0.01
N GLY A 509 9.19 5.42 0.84
CA GLY A 509 10.38 6.30 0.80
C GLY A 509 11.03 6.44 -0.57
N LYS A 510 11.09 5.34 -1.33
CA LYS A 510 11.84 5.21 -2.62
C LYS A 510 10.96 5.49 -3.84
N LEU A 511 9.64 5.72 -3.73
CA LEU A 511 8.72 5.76 -4.92
C LEU A 511 9.11 6.95 -5.82
N GLN A 512 9.15 6.75 -7.14
CA GLN A 512 9.68 7.72 -8.15
C GLN A 512 8.56 8.34 -9.00
N LEU A 513 7.47 7.61 -9.28
CA LEU A 513 6.25 8.14 -9.98
C LEU A 513 5.01 7.74 -9.17
N VAL A 514 4.02 8.63 -9.01
CA VAL A 514 2.71 8.28 -8.37
C VAL A 514 1.59 8.48 -9.40
N CYS A 515 1.09 7.37 -9.95
CA CYS A 515 -0.17 7.27 -10.74
C CYS A 515 -1.38 7.70 -9.89
N PHE A 516 -2.32 8.41 -10.52
CA PHE A 516 -3.59 8.90 -9.91
C PHE A 516 -4.77 8.68 -10.87
N ASP A 517 -5.98 8.67 -10.32
CA ASP A 517 -7.27 8.55 -11.06
C ASP A 517 -7.93 9.94 -11.11
N LYS A 518 -8.82 10.16 -12.09
CA LYS A 518 -9.48 11.46 -12.36
C LYS A 518 -10.64 11.70 -11.37
N THR A 519 -11.63 10.81 -11.33
CA THR A 519 -12.95 11.06 -10.65
C THR A 519 -12.99 10.38 -9.29
N GLY A 520 -13.32 11.15 -8.25
CA GLY A 520 -13.34 10.71 -6.84
C GLY A 520 -11.98 10.78 -6.14
N THR A 521 -10.88 11.14 -6.84
CA THR A 521 -9.52 11.32 -6.25
C THR A 521 -9.00 12.71 -6.66
N LEU A 522 -8.46 12.89 -7.88
CA LEU A 522 -7.97 14.23 -8.32
C LEU A 522 -9.12 15.27 -8.34
N THR A 523 -10.32 14.88 -8.80
CA THR A 523 -11.56 15.73 -8.81
C THR A 523 -12.41 15.40 -7.57
N GLU A 524 -13.66 15.89 -7.51
CA GLU A 524 -14.62 15.71 -6.38
C GLU A 524 -15.69 14.70 -6.79
N ASP A 525 -15.97 13.70 -5.94
CA ASP A 525 -17.09 12.73 -6.16
C ASP A 525 -18.40 13.50 -5.94
N GLY A 526 -19.42 13.23 -6.77
CA GLY A 526 -20.68 14.01 -6.85
C GLY A 526 -20.57 15.19 -7.81
N LEU A 527 -21.49 15.30 -8.78
CA LEU A 527 -21.39 16.16 -10.00
C LEU A 527 -22.78 16.73 -10.34
N ASP A 528 -22.92 18.06 -10.41
CA ASP A 528 -24.16 18.71 -10.92
C ASP A 528 -24.30 18.44 -12.43
N VAL A 529 -25.51 18.08 -12.88
CA VAL A 529 -25.87 17.94 -14.33
C VAL A 529 -26.03 19.36 -14.89
N MET A 530 -25.11 19.78 -15.78
CA MET A 530 -25.09 21.13 -16.41
C MET A 530 -25.99 21.11 -17.66
N GLY A 531 -27.24 20.62 -17.52
CA GLY A 531 -28.21 20.45 -18.63
C GLY A 531 -27.91 19.28 -19.57
N VAL A 532 -28.71 19.17 -20.63
CA VAL A 532 -28.63 18.13 -21.70
C VAL A 532 -28.77 18.82 -23.07
N VAL A 533 -28.15 18.25 -24.11
CA VAL A 533 -28.22 18.74 -25.53
C VAL A 533 -29.08 17.73 -26.30
N PRO A 534 -30.26 18.13 -26.86
CA PRO A 534 -31.06 17.30 -27.77
C PRO A 534 -30.84 17.57 -29.27
N LEU A 535 -31.19 16.61 -30.15
CA LEU A 535 -30.95 16.69 -31.62
C LEU A 535 -32.30 16.61 -32.37
N LYS A 536 -32.62 17.62 -33.23
CA LYS A 536 -33.95 17.72 -33.90
C LYS A 536 -34.07 16.59 -34.93
N GLY A 537 -33.09 16.53 -35.85
CA GLY A 537 -32.90 15.47 -36.86
C GLY A 537 -31.49 14.93 -36.75
N GLN A 538 -30.70 15.01 -37.83
CA GLN A 538 -29.22 14.89 -37.78
C GLN A 538 -28.65 16.02 -36.91
N ALA A 539 -29.16 17.25 -37.04
CA ALA A 539 -28.63 18.47 -36.38
C ALA A 539 -28.88 18.44 -34.87
N PHE A 540 -27.96 19.06 -34.10
CA PHE A 540 -28.05 19.29 -32.63
C PHE A 540 -28.75 20.62 -32.36
N LEU A 541 -29.80 20.61 -31.52
CA LEU A 541 -30.51 21.84 -31.02
C LEU A 541 -29.71 22.45 -29.85
N PRO A 542 -29.95 23.75 -29.48
CA PRO A 542 -29.26 24.37 -28.35
C PRO A 542 -29.55 23.68 -26.99
N LEU A 543 -28.55 23.71 -26.09
CA LEU A 543 -28.58 23.02 -24.76
C LEU A 543 -29.70 23.61 -23.89
N VAL A 544 -30.45 22.74 -23.21
CA VAL A 544 -31.51 23.13 -22.22
C VAL A 544 -30.81 23.22 -20.86
N PRO A 545 -30.80 24.39 -20.15
CA PRO A 545 -30.14 24.49 -18.84
C PRO A 545 -30.65 23.48 -17.80
N GLU A 546 -31.98 23.31 -17.73
CA GLU A 546 -32.70 22.44 -16.75
C GLU A 546 -33.39 21.32 -17.54
N PRO A 547 -33.06 20.01 -17.32
CA PRO A 547 -33.71 18.92 -18.06
C PRO A 547 -35.24 18.82 -17.96
N ARG A 548 -35.86 19.35 -16.88
CA ARG A 548 -37.34 19.36 -16.62
C ARG A 548 -38.13 19.93 -17.82
N ARG A 549 -37.71 21.06 -18.39
CA ARG A 549 -38.47 21.80 -19.45
C ARG A 549 -38.04 21.20 -20.81
N LEU A 550 -38.60 20.03 -21.16
CA LEU A 550 -38.36 19.31 -22.44
C LEU A 550 -39.58 18.48 -22.84
N PRO A 551 -39.85 18.22 -24.15
CA PRO A 551 -41.08 17.54 -24.58
C PRO A 551 -41.14 16.06 -24.19
N VAL A 552 -42.33 15.55 -23.88
CA VAL A 552 -42.57 14.12 -23.47
C VAL A 552 -42.30 13.26 -24.72
N GLY A 553 -41.60 12.14 -24.54
CA GLY A 553 -41.01 11.32 -25.64
C GLY A 553 -39.73 10.60 -25.21
N PRO A 554 -38.79 10.27 -26.15
CA PRO A 554 -37.68 9.34 -25.85
C PRO A 554 -36.63 9.87 -24.84
N LEU A 555 -36.12 11.10 -25.03
CA LEU A 555 -34.98 11.67 -24.24
C LEU A 555 -35.36 11.81 -22.77
N LEU A 556 -36.55 12.35 -22.46
CA LEU A 556 -37.05 12.49 -21.06
C LEU A 556 -37.10 11.10 -20.40
N ARG A 557 -37.74 10.13 -21.06
CA ARG A 557 -37.89 8.73 -20.59
C ARG A 557 -36.51 8.11 -20.36
N ALA A 558 -35.58 8.25 -21.32
CA ALA A 558 -34.20 7.71 -21.26
C ALA A 558 -33.44 8.32 -20.08
N LEU A 559 -33.45 9.67 -19.96
CA LEU A 559 -32.84 10.42 -18.82
C LEU A 559 -33.36 9.90 -17.47
N ALA A 560 -34.68 9.63 -17.35
CA ALA A 560 -35.32 9.14 -16.11
C ALA A 560 -35.01 7.64 -15.87
N THR A 561 -35.08 6.77 -16.88
CA THR A 561 -35.12 5.28 -16.73
C THR A 561 -33.75 4.59 -16.90
N CYS A 562 -32.72 5.24 -17.49
CA CYS A 562 -31.43 4.57 -17.86
C CYS A 562 -30.68 4.06 -16.61
N HIS A 563 -30.70 4.81 -15.49
CA HIS A 563 -30.05 4.46 -14.19
C HIS A 563 -30.47 3.09 -13.67
N ALA A 564 -29.65 2.50 -12.80
CA ALA A 564 -29.98 1.30 -11.99
C ALA A 564 -30.19 1.66 -10.50
N LEU A 565 -30.65 2.89 -10.17
CA LEU A 565 -31.03 3.32 -8.79
C LEU A 565 -32.06 2.37 -8.16
N SER A 566 -31.88 2.06 -6.86
CA SER A 566 -32.83 1.33 -5.99
C SER A 566 -33.25 2.21 -4.79
N ARG A 567 -34.38 1.88 -4.16
CA ARG A 567 -34.97 2.67 -3.04
C ARG A 567 -34.53 2.03 -1.71
N LEU A 568 -33.66 2.71 -0.96
CA LEU A 568 -33.37 2.41 0.48
C LEU A 568 -34.50 3.00 1.35
N GLN A 569 -34.49 2.70 2.65
CA GLN A 569 -35.51 3.18 3.63
C GLN A 569 -35.71 4.70 3.45
N ASP A 570 -36.88 5.09 2.94
CA ASP A 570 -37.32 6.48 2.66
C ASP A 570 -36.32 7.25 1.78
N THR A 571 -35.55 6.59 0.89
CA THR A 571 -34.51 7.27 0.05
C THR A 571 -34.23 6.48 -1.24
N PRO A 572 -33.60 7.09 -2.30
CA PRO A 572 -32.96 6.36 -3.40
C PRO A 572 -31.42 6.30 -3.37
N VAL A 573 -30.83 5.12 -3.63
CA VAL A 573 -29.36 4.84 -3.58
C VAL A 573 -28.87 4.45 -4.98
N GLY A 574 -27.84 5.13 -5.49
CA GLY A 574 -27.16 4.83 -6.77
C GLY A 574 -25.86 5.58 -6.98
N ASP A 575 -25.27 5.41 -8.17
CA ASP A 575 -23.98 6.05 -8.59
C ASP A 575 -24.19 7.57 -8.62
N PRO A 576 -23.24 8.41 -8.13
CA PRO A 576 -23.50 9.84 -7.93
C PRO A 576 -23.98 10.53 -9.22
N MET A 577 -23.30 10.25 -10.34
CA MET A 577 -23.73 10.61 -11.73
C MET A 577 -25.20 10.21 -12.01
N ASP A 578 -25.57 8.93 -11.91
CA ASP A 578 -26.94 8.46 -12.30
C ASP A 578 -27.99 9.08 -11.35
N LEU A 579 -27.70 9.17 -10.05
CA LEU A 579 -28.56 9.82 -9.01
C LEU A 579 -28.80 11.31 -9.31
N LYS A 580 -27.73 12.08 -9.59
CA LYS A 580 -27.84 13.54 -9.92
C LYS A 580 -28.67 13.73 -11.21
N MET A 581 -28.52 12.85 -12.22
CA MET A 581 -29.30 12.89 -13.51
C MET A 581 -30.80 12.79 -13.21
N VAL A 582 -31.24 11.75 -12.50
CA VAL A 582 -32.70 11.47 -12.27
C VAL A 582 -33.33 12.57 -11.42
N GLU A 583 -32.62 13.06 -10.39
CA GLU A 583 -33.09 14.22 -9.56
C GLU A 583 -33.22 15.45 -10.46
N SER A 584 -32.33 15.64 -11.45
CA SER A 584 -32.41 16.75 -12.45
C SER A 584 -33.67 16.60 -13.32
N THR A 585 -34.03 15.38 -13.76
CA THR A 585 -35.27 15.12 -14.56
C THR A 585 -36.52 15.54 -13.76
N GLY A 586 -36.54 15.25 -12.45
CA GLY A 586 -37.68 15.49 -11.54
C GLY A 586 -38.61 14.29 -11.39
N TRP A 587 -38.46 13.22 -12.20
CA TRP A 587 -39.19 11.93 -12.04
C TRP A 587 -38.75 11.25 -10.73
N VAL A 588 -39.65 10.51 -10.08
CA VAL A 588 -39.47 9.90 -8.72
C VAL A 588 -39.70 8.39 -8.84
N LEU A 589 -38.79 7.59 -8.27
CA LEU A 589 -38.82 6.10 -8.35
C LEU A 589 -39.98 5.58 -7.48
N GLU A 590 -40.80 4.66 -8.00
CA GLU A 590 -41.90 4.00 -7.23
C GLU A 590 -41.30 3.02 -6.21
N GLU A 591 -42.08 2.69 -5.17
CA GLU A 591 -41.67 1.84 -4.00
C GLU A 591 -41.93 0.35 -4.34
N GLU A 592 -41.80 -0.56 -3.35
CA GLU A 592 -42.05 -2.04 -3.44
C GLU A 592 -43.34 -2.38 -4.21
N PRO A 593 -44.55 -1.86 -3.84
CA PRO A 593 -45.77 -2.15 -4.61
C PRO A 593 -45.82 -1.45 -5.98
N GLY A 600 -48.10 -6.93 -12.52
CA GLY A 600 -47.40 -7.71 -13.56
C GLY A 600 -46.51 -8.81 -12.98
N THR A 601 -45.58 -9.32 -13.81
CA THR A 601 -44.60 -10.39 -13.49
C THR A 601 -43.20 -9.76 -13.45
N GLN A 602 -42.48 -9.68 -14.59
CA GLN A 602 -41.10 -9.15 -14.68
C GLN A 602 -41.17 -7.65 -14.98
N VAL A 603 -41.67 -6.89 -13.99
CA VAL A 603 -41.75 -5.39 -13.98
C VAL A 603 -41.08 -4.90 -12.69
N LEU A 604 -40.14 -3.96 -12.82
CA LEU A 604 -39.23 -3.49 -11.73
C LEU A 604 -38.88 -2.01 -11.92
N ALA A 605 -38.59 -1.31 -10.82
CA ALA A 605 -38.10 0.08 -10.76
C ALA A 605 -39.00 1.00 -11.60
N VAL A 606 -40.31 0.93 -11.36
CA VAL A 606 -41.36 1.70 -12.08
C VAL A 606 -41.11 3.19 -11.75
N MET A 607 -41.13 4.06 -12.77
CA MET A 607 -40.74 5.49 -12.67
C MET A 607 -42.01 6.34 -12.70
N ARG A 608 -42.28 7.09 -11.61
CA ARG A 608 -43.48 7.95 -11.44
C ARG A 608 -43.14 9.33 -12.02
N PRO A 609 -44.03 9.99 -12.80
CA PRO A 609 -43.76 11.34 -13.30
C PRO A 609 -43.89 12.42 -12.21
N PRO A 610 -43.35 13.64 -12.43
CA PRO A 610 -43.54 14.76 -11.50
C PRO A 610 -45.01 15.18 -11.29
N LEU A 611 -45.89 14.94 -12.28
CA LEU A 611 -47.36 15.18 -12.26
C LEU A 611 -47.69 16.69 -12.17
N TRP A 612 -46.79 17.57 -12.67
CA TRP A 612 -47.02 19.01 -12.95
C TRP A 612 -47.14 19.19 -14.47
N GLU A 613 -48.18 19.88 -14.94
CA GLU A 613 -48.46 20.17 -16.37
C GLU A 613 -48.56 21.69 -16.57
N PRO A 614 -48.17 22.26 -17.75
CA PRO A 614 -48.32 23.69 -18.02
C PRO A 614 -49.79 24.07 -18.28
N PRO A 622 -48.04 14.99 -20.99
CA PRO A 622 -48.65 13.80 -20.39
C PRO A 622 -47.82 13.19 -19.26
N PRO A 623 -48.39 12.80 -18.07
CA PRO A 623 -47.62 12.11 -17.03
C PRO A 623 -47.03 10.76 -17.49
N VAL A 624 -47.86 9.90 -18.08
CA VAL A 624 -47.52 8.58 -18.71
C VAL A 624 -46.42 7.85 -17.92
N PRO A 625 -46.69 7.37 -16.68
CA PRO A 625 -45.69 6.65 -15.88
C PRO A 625 -45.12 5.42 -16.61
N VAL A 626 -43.79 5.24 -16.59
CA VAL A 626 -43.03 4.26 -17.43
C VAL A 626 -42.37 3.21 -16.52
N SER A 627 -42.32 1.95 -16.97
CA SER A 627 -41.81 0.77 -16.23
C SER A 627 -40.71 0.06 -17.04
N VAL A 628 -39.61 -0.30 -16.37
CA VAL A 628 -38.43 -0.98 -16.97
C VAL A 628 -38.80 -2.47 -17.14
N LEU A 629 -38.45 -3.08 -18.27
CA LEU A 629 -38.68 -4.51 -18.61
C LEU A 629 -37.40 -5.32 -18.39
N HIS A 630 -36.25 -4.85 -18.90
CA HIS A 630 -34.90 -5.46 -18.74
C HIS A 630 -33.88 -4.38 -18.35
N ARG A 631 -33.07 -4.65 -17.30
CA ARG A 631 -31.92 -3.82 -16.82
C ARG A 631 -30.60 -4.48 -17.24
N PHE A 632 -29.68 -3.72 -17.85
CA PHE A 632 -28.28 -4.15 -18.14
C PHE A 632 -27.32 -3.34 -17.27
N PRO A 633 -26.40 -3.96 -16.48
CA PRO A 633 -25.49 -3.22 -15.61
C PRO A 633 -24.36 -2.52 -16.40
N PHE A 634 -23.72 -1.53 -15.79
CA PHE A 634 -22.56 -0.77 -16.34
C PHE A 634 -21.26 -1.45 -15.83
N SER A 635 -20.37 -1.84 -16.74
CA SER A 635 -18.99 -2.32 -16.51
C SER A 635 -18.02 -1.28 -17.08
N SER A 636 -17.01 -0.88 -16.29
CA SER A 636 -15.94 0.10 -16.65
C SER A 636 -15.28 -0.29 -17.99
N ALA A 637 -14.93 -1.57 -18.18
CA ALA A 637 -14.39 -2.14 -19.44
C ALA A 637 -15.40 -1.97 -20.59
N LEU A 638 -16.69 -2.24 -20.33
CA LEU A 638 -17.78 -2.23 -21.34
C LEU A 638 -18.11 -0.78 -21.75
N GLN A 639 -18.04 0.18 -20.82
CA GLN A 639 -18.18 1.66 -21.02
C GLN A 639 -19.61 2.07 -21.47
N ARG A 640 -20.66 1.31 -21.15
CA ARG A 640 -22.07 1.73 -21.35
C ARG A 640 -23.04 0.94 -20.46
N MET A 641 -24.27 1.43 -20.31
CA MET A 641 -25.43 0.73 -19.69
C MET A 641 -26.65 0.84 -20.61
N SER A 642 -27.60 -0.11 -20.49
CA SER A 642 -28.85 -0.18 -21.30
C SER A 642 -30.05 -0.62 -20.46
N VAL A 643 -31.25 -0.17 -20.87
CA VAL A 643 -32.57 -0.57 -20.29
C VAL A 643 -33.60 -0.74 -21.42
N VAL A 644 -34.55 -1.68 -21.26
CA VAL A 644 -35.77 -1.84 -22.09
C VAL A 644 -36.95 -1.30 -21.28
N VAL A 645 -37.74 -0.35 -21.82
CA VAL A 645 -38.83 0.39 -21.08
C VAL A 645 -40.13 0.30 -21.89
N ALA A 646 -41.26 0.15 -21.18
CA ALA A 646 -42.65 0.06 -21.71
C ALA A 646 -43.59 1.00 -20.93
N TRP A 647 -44.65 1.49 -21.58
CA TRP A 647 -45.62 2.50 -21.05
C TRP A 647 -47.08 2.09 -21.32
N PRO A 648 -48.09 2.65 -20.58
CA PRO A 648 -49.51 2.37 -20.81
C PRO A 648 -50.04 2.66 -22.22
N GLY A 649 -49.40 3.57 -22.97
CA GLY A 649 -49.53 3.73 -24.43
C GLY A 649 -49.46 2.42 -25.21
N ALA A 650 -48.65 1.47 -24.75
CA ALA A 650 -48.55 0.07 -25.24
C ALA A 650 -48.14 0.03 -26.72
N THR A 651 -47.12 0.83 -27.07
CA THR A 651 -46.46 0.85 -28.42
C THR A 651 -45.41 -0.27 -28.45
N GLN A 652 -44.61 -0.34 -29.53
CA GLN A 652 -43.40 -1.22 -29.59
C GLN A 652 -42.43 -0.79 -28.49
N PRO A 653 -41.91 -1.71 -27.61
CA PRO A 653 -40.97 -1.34 -26.54
C PRO A 653 -39.71 -0.63 -27.04
N GLU A 654 -39.22 0.41 -26.35
CA GLU A 654 -38.02 1.20 -26.75
C GLU A 654 -36.86 0.87 -25.80
N ALA A 655 -35.69 0.56 -26.36
CA ALA A 655 -34.42 0.30 -25.65
C ALA A 655 -33.60 1.59 -25.60
N TYR A 656 -33.16 2.01 -24.41
CA TYR A 656 -32.35 3.23 -24.16
C TYR A 656 -30.95 2.80 -23.67
N VAL A 657 -29.88 3.29 -24.31
CA VAL A 657 -28.44 2.97 -23.99
C VAL A 657 -27.73 4.29 -23.65
N LYS A 658 -27.27 4.44 -22.39
CA LYS A 658 -26.44 5.57 -21.89
C LYS A 658 -25.00 5.07 -21.75
N GLY A 659 -24.03 5.73 -22.39
CA GLY A 659 -22.62 5.32 -22.32
C GLY A 659 -21.63 6.38 -22.77
N SER A 660 -20.35 6.00 -22.86
CA SER A 660 -19.22 6.87 -23.32
C SER A 660 -19.54 7.41 -24.72
N PRO A 661 -19.29 8.71 -25.04
CA PRO A 661 -19.75 9.31 -26.29
C PRO A 661 -19.26 8.59 -27.56
N GLU A 662 -17.96 8.28 -27.60
CA GLU A 662 -17.23 7.70 -28.76
C GLU A 662 -17.84 6.32 -29.07
N LEU A 663 -17.90 5.44 -28.06
CA LEU A 663 -18.42 4.06 -28.21
C LEU A 663 -19.90 4.10 -28.59
N VAL A 664 -20.73 4.94 -27.95
CA VAL A 664 -22.21 5.04 -28.20
C VAL A 664 -22.44 5.58 -29.61
N ALA A 665 -21.77 6.68 -29.99
CA ALA A 665 -21.84 7.28 -31.35
C ALA A 665 -21.40 6.27 -32.41
N GLY A 666 -20.29 5.55 -32.18
CA GLY A 666 -19.80 4.43 -33.01
C GLY A 666 -20.82 3.31 -33.14
N LEU A 667 -21.41 2.88 -32.02
CA LEU A 667 -22.45 1.80 -31.95
C LEU A 667 -23.71 2.21 -32.73
N CYS A 668 -24.12 3.48 -32.67
CA CYS A 668 -25.31 4.03 -33.39
C CYS A 668 -25.16 3.86 -34.91
N ASN A 669 -26.26 3.53 -35.59
CA ASN A 669 -26.31 3.48 -37.08
C ASN A 669 -26.04 4.92 -37.57
N PRO A 670 -25.18 5.16 -38.58
CA PRO A 670 -24.77 6.52 -38.97
C PRO A 670 -25.84 7.25 -39.82
N GLU A 671 -27.06 7.36 -39.27
CA GLU A 671 -28.25 7.99 -39.87
C GLU A 671 -28.51 9.30 -39.13
N THR A 672 -28.65 9.24 -37.80
CA THR A 672 -28.84 10.38 -36.86
C THR A 672 -27.50 11.03 -36.43
N VAL A 673 -26.35 10.34 -36.56
CA VAL A 673 -25.04 10.79 -35.99
C VAL A 673 -24.68 12.10 -36.70
N PRO A 674 -24.57 13.26 -36.02
CA PRO A 674 -24.26 14.53 -36.68
C PRO A 674 -22.83 14.57 -37.26
N THR A 675 -22.66 15.20 -38.43
CA THR A 675 -21.37 15.41 -39.16
C THR A 675 -20.28 15.96 -38.23
N ASP A 676 -20.63 16.95 -37.38
CA ASP A 676 -19.70 17.66 -36.45
C ASP A 676 -19.83 17.13 -35.01
N PHE A 677 -20.40 15.93 -34.77
CA PHE A 677 -20.57 15.29 -33.42
C PHE A 677 -19.29 15.44 -32.59
N ALA A 678 -18.16 15.01 -33.16
CA ALA A 678 -16.79 15.04 -32.58
C ALA A 678 -16.41 16.48 -32.18
N GLN A 679 -16.60 17.44 -33.08
CA GLN A 679 -16.23 18.88 -32.87
C GLN A 679 -17.14 19.47 -31.77
N MET A 680 -18.45 19.20 -31.81
CA MET A 680 -19.43 19.69 -30.81
C MET A 680 -19.10 19.11 -29.43
N LEU A 681 -18.91 17.78 -29.34
CA LEU A 681 -18.43 17.08 -28.09
C LEU A 681 -17.12 17.72 -27.60
N GLN A 682 -16.17 18.00 -28.52
CA GLN A 682 -14.84 18.60 -28.22
C GLN A 682 -15.03 19.90 -27.41
N SER A 683 -16.04 20.74 -27.73
CA SER A 683 -16.41 21.96 -26.94
C SER A 683 -16.64 21.58 -25.46
N TYR A 684 -17.47 20.55 -25.23
CA TYR A 684 -17.90 20.11 -23.87
C TYR A 684 -16.73 19.43 -23.13
N THR A 685 -15.99 18.53 -23.79
CA THR A 685 -14.84 17.81 -23.18
C THR A 685 -13.71 18.81 -22.88
N ALA A 686 -13.38 19.71 -23.82
CA ALA A 686 -12.33 20.77 -23.65
C ALA A 686 -12.67 21.72 -22.49
N ALA A 687 -13.95 22.07 -22.32
CA ALA A 687 -14.48 22.83 -21.14
C ALA A 687 -14.22 22.07 -19.83
N GLY A 688 -14.22 20.73 -19.85
CA GLY A 688 -13.99 19.82 -18.70
C GLY A 688 -15.28 19.22 -18.15
N TYR A 689 -16.37 19.18 -18.93
CA TYR A 689 -17.66 18.53 -18.59
C TYR A 689 -17.59 17.07 -19.02
N ARG A 690 -17.55 16.15 -18.04
CA ARG A 690 -17.81 14.69 -18.20
C ARG A 690 -19.11 14.53 -19.02
N VAL A 691 -19.01 13.89 -20.19
CA VAL A 691 -20.12 13.78 -21.18
C VAL A 691 -20.43 12.29 -21.38
N VAL A 692 -21.71 11.90 -21.22
CA VAL A 692 -22.25 10.56 -21.53
C VAL A 692 -23.36 10.75 -22.58
N ALA A 693 -23.30 9.97 -23.67
CA ALA A 693 -24.26 10.02 -24.80
C ALA A 693 -25.35 8.96 -24.56
N LEU A 694 -26.61 9.33 -24.85
CA LEU A 694 -27.81 8.46 -24.78
C LEU A 694 -28.30 8.19 -26.21
N ALA A 695 -28.50 6.90 -26.56
CA ALA A 695 -29.01 6.42 -27.86
C ALA A 695 -30.26 5.57 -27.63
N SER A 696 -31.33 5.80 -28.40
CA SER A 696 -32.64 5.06 -28.31
C SER A 696 -32.88 4.24 -29.58
N LYS A 697 -33.36 2.99 -29.44
CA LYS A 697 -33.81 2.12 -30.54
C LYS A 697 -35.22 1.60 -30.19
N PRO A 698 -36.26 1.82 -31.04
CA PRO A 698 -37.52 1.09 -30.95
C PRO A 698 -37.26 -0.40 -31.25
N LEU A 699 -37.69 -1.28 -30.32
CA LEU A 699 -37.45 -2.74 -30.32
C LEU A 699 -38.76 -3.46 -30.69
N PRO A 700 -38.76 -4.33 -31.75
CA PRO A 700 -39.98 -5.06 -32.17
C PRO A 700 -40.19 -6.36 -31.35
N THR A 701 -40.65 -6.22 -30.10
CA THR A 701 -40.99 -7.32 -29.16
C THR A 701 -42.39 -7.08 -28.55
N VAL A 702 -42.96 -8.11 -27.92
CA VAL A 702 -44.32 -8.09 -27.29
C VAL A 702 -44.15 -7.35 -25.96
N PRO A 703 -44.82 -6.18 -25.72
CA PRO A 703 -44.63 -5.41 -24.50
C PRO A 703 -45.23 -6.08 -23.24
N SER A 704 -44.63 -5.80 -22.07
CA SER A 704 -45.02 -6.30 -20.72
C SER A 704 -45.10 -7.84 -20.68
N LEU A 705 -44.15 -8.54 -21.33
CA LEU A 705 -43.99 -10.02 -21.28
C LEU A 705 -42.57 -10.36 -20.79
N GLU A 706 -42.49 -11.05 -19.64
CA GLU A 706 -41.28 -11.70 -19.02
C GLU A 706 -40.41 -12.38 -20.09
N ALA A 707 -40.99 -13.30 -20.88
CA ALA A 707 -40.32 -14.02 -21.99
C ALA A 707 -39.66 -13.04 -22.96
N ALA A 708 -40.39 -11.98 -23.35
CA ALA A 708 -39.94 -10.93 -24.32
C ALA A 708 -38.71 -10.19 -23.76
N GLN A 709 -38.61 -10.02 -22.43
CA GLN A 709 -37.43 -9.39 -21.74
C GLN A 709 -36.12 -10.09 -22.19
N GLN A 710 -36.09 -11.43 -22.21
CA GLN A 710 -34.88 -12.25 -22.55
C GLN A 710 -34.35 -11.77 -23.92
N LEU A 711 -33.07 -11.36 -23.98
CA LEU A 711 -32.44 -10.68 -25.16
C LEU A 711 -30.91 -10.70 -25.06
N THR A 712 -30.24 -10.62 -26.22
CA THR A 712 -28.74 -10.58 -26.32
C THR A 712 -28.35 -9.12 -26.09
N ARG A 713 -27.43 -8.87 -25.14
CA ARG A 713 -26.91 -7.51 -24.76
C ARG A 713 -26.47 -6.73 -26.01
N ASP A 714 -25.73 -7.38 -26.90
CA ASP A 714 -25.27 -6.83 -28.22
C ASP A 714 -26.48 -6.47 -29.08
N THR A 715 -27.49 -7.35 -29.19
CA THR A 715 -28.72 -7.14 -30.04
C THR A 715 -29.46 -5.88 -29.54
N VAL A 716 -29.59 -5.71 -28.21
CA VAL A 716 -30.20 -4.50 -27.58
C VAL A 716 -29.33 -3.27 -27.90
N GLU A 717 -27.99 -3.39 -27.85
CA GLU A 717 -27.03 -2.27 -28.06
C GLU A 717 -26.50 -2.24 -29.52
N GLY A 718 -27.23 -2.82 -30.49
CA GLY A 718 -26.80 -2.92 -31.90
C GLY A 718 -27.18 -1.65 -32.65
N ASP A 719 -28.15 -1.75 -33.57
CA ASP A 719 -28.66 -0.60 -34.37
C ASP A 719 -29.27 0.42 -33.40
N LEU A 720 -28.76 1.65 -33.40
CA LEU A 720 -29.16 2.73 -32.44
C LEU A 720 -29.24 4.09 -33.14
N SER A 721 -30.11 4.97 -32.60
CA SER A 721 -30.33 6.38 -33.03
C SER A 721 -29.85 7.28 -31.89
N LEU A 722 -28.79 8.08 -32.11
CA LEU A 722 -28.23 9.03 -31.09
C LEU A 722 -29.34 10.01 -30.69
N LEU A 723 -29.57 10.18 -29.39
CA LEU A 723 -30.75 10.91 -28.81
C LEU A 723 -30.28 12.25 -28.24
N GLY A 724 -29.27 12.23 -27.37
CA GLY A 724 -28.66 13.44 -26.77
C GLY A 724 -27.38 13.15 -26.01
N LEU A 725 -26.65 14.21 -25.65
CA LEU A 725 -25.40 14.16 -24.84
C LEU A 725 -25.72 14.84 -23.50
N LEU A 726 -25.55 14.12 -22.37
CA LEU A 726 -25.59 14.73 -21.01
C LEU A 726 -24.30 15.52 -20.80
N VAL A 727 -24.35 16.60 -20.01
CA VAL A 727 -23.19 17.51 -19.75
C VAL A 727 -23.01 17.59 -18.22
N MET A 728 -22.41 16.53 -17.66
CA MET A 728 -22.17 16.39 -16.19
C MET A 728 -20.97 17.29 -15.87
N ARG A 729 -20.94 17.99 -14.73
CA ARG A 729 -19.78 18.83 -14.29
C ARG A 729 -19.16 18.24 -13.02
N ASN A 730 -17.88 17.83 -13.10
CA ASN A 730 -17.02 17.44 -11.96
C ASN A 730 -15.96 18.53 -11.75
N LEU A 731 -15.75 18.94 -10.49
CA LEU A 731 -14.88 20.08 -10.06
C LEU A 731 -13.69 19.54 -9.26
N LEU A 732 -12.54 20.21 -9.35
CA LEU A 732 -11.28 19.76 -8.69
C LEU A 732 -11.42 19.88 -7.16
N LYS A 733 -11.06 18.81 -6.45
CA LYS A 733 -10.89 18.80 -4.96
C LYS A 733 -9.87 19.88 -4.57
N PRO A 734 -10.14 20.75 -3.55
CA PRO A 734 -9.28 21.91 -3.26
C PRO A 734 -7.78 21.63 -3.04
N GLN A 735 -7.48 20.50 -2.40
CA GLN A 735 -6.15 20.10 -1.89
C GLN A 735 -5.34 19.43 -3.02
N THR A 736 -5.99 18.75 -4.00
CA THR A 736 -5.31 18.10 -5.17
C THR A 736 -4.28 19.04 -5.79
N THR A 737 -4.67 20.29 -6.10
CA THR A 737 -3.85 21.28 -6.83
C THR A 737 -2.55 21.53 -6.06
N PRO A 738 -2.57 21.84 -4.74
CA PRO A 738 -1.36 21.84 -3.89
C PRO A 738 -0.42 20.61 -3.91
N VAL A 739 -0.94 19.39 -3.66
CA VAL A 739 -0.08 18.17 -3.41
C VAL A 739 0.71 17.87 -4.70
N ILE A 740 0.03 17.84 -5.85
CA ILE A 740 0.64 17.61 -7.22
C ILE A 740 1.79 18.61 -7.44
N GLN A 741 1.59 19.90 -7.10
CA GLN A 741 2.63 20.97 -7.23
C GLN A 741 3.87 20.62 -6.39
N ALA A 742 3.69 20.09 -5.16
CA ALA A 742 4.79 19.64 -4.27
C ALA A 742 5.46 18.39 -4.85
N LEU A 743 4.69 17.36 -5.21
CA LEU A 743 5.21 16.08 -5.81
C LEU A 743 6.00 16.39 -7.11
N ARG A 744 5.53 17.32 -7.93
CA ARG A 744 6.29 17.82 -9.12
C ARG A 744 7.55 18.59 -8.66
N ARG A 745 7.47 19.41 -7.60
CA ARG A 745 8.61 20.19 -7.03
C ARG A 745 9.71 19.24 -6.50
N THR A 746 9.34 18.15 -5.83
CA THR A 746 10.29 17.08 -5.37
C THR A 746 10.91 16.32 -6.55
N ARG A 747 10.34 16.40 -7.78
CA ARG A 747 10.73 15.70 -9.04
C ARG A 747 10.27 14.22 -8.98
N ILE A 748 9.32 13.84 -8.12
CA ILE A 748 8.50 12.59 -8.26
C ILE A 748 7.43 12.92 -9.29
N ARG A 749 7.50 12.34 -10.50
CA ARG A 749 6.53 12.65 -11.60
C ARG A 749 5.15 12.08 -11.24
N ALA A 750 4.09 12.84 -11.53
CA ALA A 750 2.67 12.48 -11.38
C ALA A 750 2.13 12.09 -12.76
N VAL A 751 1.73 10.82 -12.95
CA VAL A 751 1.00 10.33 -14.16
C VAL A 751 -0.49 10.20 -13.80
N MET A 752 -1.37 10.60 -14.71
CA MET A 752 -2.84 10.52 -14.61
C MET A 752 -3.27 9.31 -15.45
N VAL A 753 -4.02 8.36 -14.88
CA VAL A 753 -4.59 7.17 -15.60
C VAL A 753 -6.11 7.15 -15.35
N THR A 754 -6.92 7.27 -16.42
CA THR A 754 -8.39 7.56 -16.37
C THR A 754 -9.14 6.74 -17.43
N GLY A 755 -10.42 6.42 -17.20
CA GLY A 755 -11.36 5.87 -18.20
C GLY A 755 -12.14 6.93 -19.00
N ASP A 756 -12.00 8.23 -18.67
CA ASP A 756 -12.79 9.35 -19.28
C ASP A 756 -12.08 9.84 -20.55
N ASN A 757 -12.75 10.71 -21.33
CA ASN A 757 -12.28 11.22 -22.64
C ASN A 757 -10.99 12.03 -22.46
N LEU A 758 -10.11 11.96 -23.46
CA LEU A 758 -8.70 12.47 -23.41
C LEU A 758 -8.69 13.98 -23.12
N GLN A 759 -9.61 14.75 -23.72
CA GLN A 759 -9.70 16.23 -23.58
C GLN A 759 -10.06 16.61 -22.13
N THR A 760 -11.06 15.94 -21.50
CA THR A 760 -11.46 16.16 -20.07
C THR A 760 -10.26 15.90 -19.15
N ALA A 761 -9.61 14.74 -19.33
CA ALA A 761 -8.36 14.34 -18.62
C ALA A 761 -7.25 15.39 -18.86
N VAL A 762 -7.11 15.91 -20.09
CA VAL A 762 -6.12 17.00 -20.41
C VAL A 762 -6.51 18.26 -19.62
N THR A 763 -7.80 18.62 -19.54
CA THR A 763 -8.28 19.83 -18.81
C THR A 763 -8.01 19.68 -17.30
N VAL A 764 -8.36 18.53 -16.71
CA VAL A 764 -8.06 18.19 -15.28
C VAL A 764 -6.54 18.26 -15.05
N ALA A 765 -5.76 17.57 -15.90
CA ALA A 765 -4.28 17.51 -15.86
C ALA A 765 -3.66 18.91 -15.94
N ARG A 766 -4.11 19.74 -16.89
CA ARG A 766 -3.64 21.14 -17.07
C ARG A 766 -4.03 21.96 -15.83
N GLY A 767 -5.21 21.71 -15.25
CA GLY A 767 -5.72 22.34 -14.01
C GLY A 767 -4.87 22.04 -12.78
N CYS A 768 -4.70 20.76 -12.44
CA CYS A 768 -3.93 20.29 -11.24
C CYS A 768 -2.48 20.77 -11.30
N GLY A 769 -1.83 20.68 -12.47
CA GLY A 769 -0.40 20.98 -12.70
C GLY A 769 0.44 19.73 -12.96
N MET A 770 -0.17 18.58 -13.34
CA MET A 770 0.52 17.48 -14.08
C MET A 770 1.29 18.10 -15.25
N VAL A 771 0.61 18.94 -16.05
CA VAL A 771 1.17 19.69 -17.21
C VAL A 771 1.01 21.18 -16.84
N ALA A 772 2.13 21.88 -16.65
CA ALA A 772 2.20 23.33 -16.28
C ALA A 772 2.05 24.17 -17.56
N PRO A 773 1.68 25.47 -17.50
CA PRO A 773 1.39 26.27 -18.70
C PRO A 773 2.59 26.47 -19.65
N GLN A 774 3.79 26.71 -19.09
CA GLN A 774 5.12 26.62 -19.77
C GLN A 774 5.28 25.30 -20.56
N GLU A 775 4.81 24.15 -20.05
CA GLU A 775 5.05 22.80 -20.65
C GLU A 775 4.19 22.61 -21.91
N HIS A 776 4.60 21.66 -22.77
CA HIS A 776 3.96 21.31 -24.07
C HIS A 776 3.44 19.88 -24.04
N LEU A 777 2.18 19.67 -24.48
CA LEU A 777 1.46 18.38 -24.51
C LEU A 777 1.27 17.93 -25.96
N ILE A 778 1.63 16.67 -26.28
CA ILE A 778 1.48 16.02 -27.62
C ILE A 778 0.52 14.84 -27.46
N ILE A 779 -0.51 14.75 -28.32
CA ILE A 779 -1.51 13.65 -28.34
C ILE A 779 -1.03 12.59 -29.34
N VAL A 780 -0.30 11.57 -28.87
CA VAL A 780 0.05 10.35 -29.68
C VAL A 780 -1.27 9.70 -30.12
N HIS A 781 -1.45 9.46 -31.42
CA HIS A 781 -2.61 8.75 -32.02
C HIS A 781 -2.09 7.61 -32.93
N ALA A 782 -2.80 6.47 -32.96
CA ALA A 782 -2.44 5.26 -33.73
C ALA A 782 -3.62 4.79 -34.58
N THR A 783 -3.34 4.30 -35.80
CA THR A 783 -4.30 3.67 -36.75
C THR A 783 -4.11 2.14 -36.72
N HIS A 784 -5.21 1.38 -36.65
CA HIS A 784 -5.19 -0.10 -36.46
C HIS A 784 -4.55 -0.76 -37.68
N PRO A 785 -3.57 -1.70 -37.54
CA PRO A 785 -3.02 -2.46 -38.66
C PRO A 785 -3.98 -3.58 -39.10
N GLU A 786 -4.59 -3.47 -40.29
CA GLU A 786 -5.65 -4.42 -40.76
C GLU A 786 -5.95 -4.25 -42.26
N ARG A 787 -6.58 -5.26 -42.87
CA ARG A 787 -6.85 -5.41 -44.33
C ARG A 787 -5.54 -5.15 -45.11
N GLY A 788 -5.47 -4.16 -46.01
CA GLY A 788 -4.25 -3.74 -46.73
C GLY A 788 -3.41 -2.71 -46.00
N GLN A 789 -3.83 -2.18 -44.82
CA GLN A 789 -3.16 -1.04 -44.10
C GLN A 789 -2.24 -1.61 -43.02
N PRO A 790 -0.94 -1.20 -42.95
CA PRO A 790 -0.10 -1.47 -41.78
C PRO A 790 -0.32 -0.43 -40.68
N ALA A 791 0.27 -0.65 -39.49
CA ALA A 791 0.13 0.21 -38.29
C ALA A 791 0.81 1.56 -38.57
N SER A 792 0.16 2.67 -38.22
CA SER A 792 0.65 4.08 -38.35
C SER A 792 0.55 4.79 -36.99
N LEU A 793 1.63 5.45 -36.57
CA LEU A 793 1.71 6.29 -35.34
C LEU A 793 1.83 7.77 -35.77
N GLU A 794 0.81 8.58 -35.48
CA GLU A 794 0.75 10.05 -35.82
C GLU A 794 0.72 10.86 -34.53
N PHE A 795 1.64 11.84 -34.41
CA PHE A 795 1.87 12.68 -33.21
C PHE A 795 1.39 14.09 -33.59
N LEU A 796 0.29 14.56 -33.00
CA LEU A 796 -0.34 15.89 -33.28
C LEU A 796 -0.23 16.76 -32.03
N PRO A 797 0.45 17.95 -32.04
CA PRO A 797 0.49 18.83 -30.87
C PRO A 797 -0.85 19.49 -30.52
N MET A 798 -1.05 19.80 -29.23
CA MET A 798 -2.13 20.67 -28.68
C MET A 798 -1.44 21.89 -28.02
N GLU A 799 -2.04 23.08 -28.19
CA GLU A 799 -1.49 24.41 -27.78
C GLU A 799 -2.55 25.10 -26.92
N SER A 800 -2.19 25.53 -25.71
CA SER A 800 -3.05 26.25 -24.73
C SER A 800 -2.30 27.46 -24.14
N PRO A 801 -2.97 28.60 -23.83
CA PRO A 801 -2.34 29.71 -23.11
C PRO A 801 -2.35 29.51 -21.58
N SER A 824 8.61 20.23 -20.65
CA SER A 824 9.20 18.87 -20.50
C SER A 824 8.61 17.83 -21.48
N ARG A 825 7.96 18.24 -22.59
CA ARG A 825 7.51 17.38 -23.72
C ARG A 825 6.54 16.30 -23.19
N HIS A 826 5.48 16.71 -22.47
CA HIS A 826 4.51 15.80 -21.81
C HIS A 826 3.68 15.12 -22.92
N LEU A 827 3.40 13.80 -22.82
CA LEU A 827 2.64 13.03 -23.85
C LEU A 827 1.31 12.53 -23.26
N ALA A 828 0.19 12.73 -23.98
CA ALA A 828 -1.15 12.22 -23.64
C ALA A 828 -1.58 11.18 -24.69
N LEU A 829 -1.93 9.96 -24.26
CA LEU A 829 -2.27 8.79 -25.12
C LEU A 829 -3.66 8.26 -24.72
N SER A 830 -4.59 8.11 -25.66
CA SER A 830 -5.87 7.37 -25.47
C SER A 830 -5.56 5.88 -25.29
N GLY A 831 -6.41 5.15 -24.57
CA GLY A 831 -6.27 3.71 -24.26
C GLY A 831 -6.04 2.86 -25.51
N PRO A 832 -6.89 2.97 -26.57
CA PRO A 832 -6.68 2.28 -27.85
C PRO A 832 -5.31 2.51 -28.52
N THR A 833 -4.81 3.75 -28.55
CA THR A 833 -3.46 4.10 -29.11
C THR A 833 -2.40 3.29 -28.36
N PHE A 834 -2.47 3.27 -27.02
CA PHE A 834 -1.56 2.51 -26.11
C PHE A 834 -1.65 1.01 -26.43
N GLY A 835 -2.86 0.48 -26.72
CA GLY A 835 -3.09 -0.92 -27.17
C GLY A 835 -2.29 -1.26 -28.42
N ILE A 836 -2.36 -0.41 -29.44
CA ILE A 836 -1.57 -0.55 -30.71
C ILE A 836 -0.07 -0.35 -30.41
N ILE A 837 0.31 0.63 -29.60
CA ILE A 837 1.74 0.91 -29.26
C ILE A 837 2.36 -0.33 -28.59
N VAL A 838 1.67 -0.98 -27.63
CA VAL A 838 2.21 -2.15 -26.90
C VAL A 838 2.32 -3.37 -27.83
N LYS A 839 1.32 -3.61 -28.69
CA LYS A 839 1.26 -4.80 -29.60
C LYS A 839 2.19 -4.63 -30.81
N HIS A 840 2.15 -3.47 -31.49
CA HIS A 840 2.72 -3.24 -32.85
C HIS A 840 3.87 -2.22 -32.89
N PHE A 841 4.25 -1.54 -31.78
CA PHE A 841 5.43 -0.62 -31.72
C PHE A 841 6.26 -0.87 -30.46
N PRO A 842 6.72 -2.13 -30.17
CA PRO A 842 7.35 -2.44 -28.87
C PRO A 842 8.56 -1.54 -28.55
N LYS A 843 9.38 -1.25 -29.57
CA LYS A 843 10.60 -0.41 -29.48
C LYS A 843 10.22 1.02 -29.05
N LEU A 844 9.08 1.56 -29.51
CA LEU A 844 8.63 2.94 -29.14
C LEU A 844 8.07 2.99 -27.70
N LEU A 845 7.50 1.89 -27.16
CA LEU A 845 6.80 1.88 -25.83
C LEU A 845 7.71 2.47 -24.72
N PRO A 846 8.99 2.05 -24.54
CA PRO A 846 9.92 2.73 -23.63
C PRO A 846 9.95 4.26 -23.72
N LYS A 847 9.94 4.80 -24.94
CA LYS A 847 10.02 6.27 -25.20
C LYS A 847 8.74 6.95 -24.71
N VAL A 848 7.55 6.38 -24.96
CA VAL A 848 6.23 7.02 -24.59
C VAL A 848 6.00 6.88 -23.07
N LEU A 849 6.24 5.70 -22.47
CA LEU A 849 5.92 5.43 -21.03
C LEU A 849 6.87 6.20 -20.08
N VAL A 850 8.10 6.53 -20.52
CA VAL A 850 9.05 7.44 -19.77
C VAL A 850 8.74 8.92 -20.03
N GLN A 851 7.77 9.28 -20.89
CA GLN A 851 7.44 10.67 -21.32
C GLN A 851 5.92 10.98 -21.26
N GLY A 852 5.08 10.03 -20.81
CA GLY A 852 3.61 10.08 -20.91
C GLY A 852 3.02 10.47 -19.57
N THR A 853 2.16 11.51 -19.52
CA THR A 853 1.62 12.10 -18.26
C THR A 853 0.10 11.89 -18.12
N VAL A 854 -0.69 11.74 -19.20
CA VAL A 854 -2.20 11.73 -19.16
C VAL A 854 -2.74 10.51 -19.95
N PHE A 855 -2.54 9.30 -19.43
CA PHE A 855 -3.09 8.06 -20.05
C PHE A 855 -4.61 8.05 -19.81
N ALA A 856 -5.40 7.99 -20.87
CA ALA A 856 -6.86 8.26 -20.86
C ALA A 856 -7.62 7.21 -21.67
N ARG A 857 -8.94 7.15 -21.45
CA ARG A 857 -9.89 6.16 -22.05
C ARG A 857 -9.44 4.71 -21.77
N MET A 858 -8.77 4.47 -20.63
CA MET A 858 -8.10 3.19 -20.30
C MET A 858 -9.14 2.26 -19.67
N ALA A 859 -9.20 1.01 -20.14
CA ALA A 859 -9.99 -0.10 -19.54
C ALA A 859 -9.33 -0.51 -18.22
N PRO A 860 -10.06 -1.16 -17.26
CA PRO A 860 -9.48 -1.58 -15.97
C PRO A 860 -8.18 -2.42 -16.11
N GLU A 861 -8.15 -3.34 -17.07
CA GLU A 861 -6.96 -4.19 -17.43
C GLU A 861 -5.79 -3.29 -17.88
N GLN A 862 -6.04 -2.30 -18.75
CA GLN A 862 -5.00 -1.36 -19.28
C GLN A 862 -4.25 -0.63 -18.13
N LYS A 863 -4.93 -0.31 -17.02
CA LYS A 863 -4.36 0.46 -15.87
C LYS A 863 -3.26 -0.41 -15.23
N THR A 864 -3.50 -1.73 -15.13
CA THR A 864 -2.52 -2.77 -14.64
C THR A 864 -1.30 -2.80 -15.57
N GLU A 865 -1.54 -2.75 -16.89
CA GLU A 865 -0.47 -2.78 -17.92
C GLU A 865 0.43 -1.55 -17.79
N LEU A 866 -0.13 -0.35 -17.62
CA LEU A 866 0.69 0.89 -17.39
C LEU A 866 1.56 0.68 -16.15
N VAL A 867 0.97 0.20 -15.04
CA VAL A 867 1.70 -0.14 -13.78
C VAL A 867 2.84 -1.12 -14.10
N CYS A 868 2.57 -2.20 -14.86
CA CYS A 868 3.55 -3.30 -15.10
C CYS A 868 4.67 -2.86 -16.07
N GLU A 869 4.35 -2.16 -17.16
CA GLU A 869 5.35 -1.62 -18.13
C GLU A 869 6.19 -0.53 -17.44
N LEU A 870 5.56 0.43 -16.73
CA LEU A 870 6.32 1.46 -15.96
C LEU A 870 7.26 0.80 -14.94
N GLN A 871 6.84 -0.32 -14.31
CA GLN A 871 7.69 -1.09 -13.35
C GLN A 871 8.86 -1.77 -14.07
N LYS A 872 8.63 -2.42 -15.22
CA LYS A 872 9.69 -3.16 -16.00
C LYS A 872 10.73 -2.16 -16.52
N LEU A 873 10.36 -0.90 -16.78
CA LEU A 873 11.30 0.24 -17.03
C LEU A 873 12.08 0.68 -15.77
N GLN A 874 12.01 -0.02 -14.62
CA GLN A 874 12.73 0.26 -13.34
C GLN A 874 12.24 1.57 -12.67
N TYR A 875 11.02 2.05 -12.96
CA TYR A 875 10.33 3.12 -12.17
C TYR A 875 9.65 2.45 -10.96
N CYS A 876 9.77 3.04 -9.77
CA CYS A 876 8.99 2.64 -8.57
C CYS A 876 7.63 3.37 -8.64
N VAL A 877 6.59 2.64 -9.10
CA VAL A 877 5.20 3.15 -9.31
C VAL A 877 4.50 3.33 -7.95
N GLY A 878 3.48 4.19 -7.92
CA GLY A 878 2.48 4.32 -6.83
C GLY A 878 1.10 4.62 -7.40
N MET A 879 0.04 4.16 -6.71
CA MET A 879 -1.38 4.29 -7.14
C MET A 879 -2.22 4.85 -5.98
N CYS A 880 -2.91 5.97 -6.19
CA CYS A 880 -3.81 6.62 -5.20
C CYS A 880 -5.25 6.61 -5.73
N GLY A 881 -5.70 5.59 -6.47
CA GLY A 881 -7.10 5.50 -6.97
C GLY A 881 -8.12 5.21 -5.88
N ASP A 882 -9.42 5.48 -6.13
CA ASP A 882 -10.54 5.32 -5.16
C ASP A 882 -11.70 4.46 -5.72
N GLY A 883 -11.50 3.66 -6.78
CA GLY A 883 -12.58 2.95 -7.52
C GLY A 883 -12.26 1.49 -7.83
N ALA A 884 -13.29 0.71 -8.14
CA ALA A 884 -13.23 -0.71 -8.60
C ALA A 884 -12.32 -0.86 -9.82
N ASN A 885 -12.42 0.06 -10.80
CA ASN A 885 -11.53 0.16 -12.00
C ASN A 885 -10.03 0.10 -11.61
N ASP A 886 -9.62 0.72 -10.50
CA ASP A 886 -8.19 0.80 -10.07
C ASP A 886 -7.75 -0.44 -9.26
N CYS A 887 -8.68 -1.30 -8.81
CA CYS A 887 -8.44 -2.44 -7.85
C CYS A 887 -7.24 -3.29 -8.30
N GLY A 888 -7.22 -3.67 -9.59
CA GLY A 888 -6.11 -4.37 -10.26
C GLY A 888 -4.79 -3.62 -10.13
N ALA A 889 -4.77 -2.35 -10.54
CA ALA A 889 -3.56 -1.48 -10.57
C ALA A 889 -3.00 -1.29 -9.15
N LEU A 890 -3.89 -1.03 -8.17
CA LEU A 890 -3.55 -0.83 -6.73
C LEU A 890 -2.75 -2.03 -6.19
N LYS A 891 -3.24 -3.26 -6.44
CA LYS A 891 -2.58 -4.54 -6.00
C LYS A 891 -1.21 -4.70 -6.67
N ALA A 892 -1.13 -4.52 -7.99
CA ALA A 892 0.11 -4.66 -8.80
C ALA A 892 1.16 -3.62 -8.42
N ALA A 893 0.75 -2.38 -8.11
CA ALA A 893 1.67 -1.24 -7.77
C ALA A 893 2.42 -1.51 -6.45
N ASP A 894 3.64 -0.95 -6.34
CA ASP A 894 4.54 -1.08 -5.14
C ASP A 894 3.82 -0.52 -3.90
N VAL A 895 3.31 0.71 -3.98
CA VAL A 895 2.56 1.43 -2.89
C VAL A 895 1.15 1.71 -3.45
N GLY A 896 0.12 0.99 -2.97
CA GLY A 896 -1.29 1.13 -3.39
C GLY A 896 -2.15 1.70 -2.27
N ILE A 897 -2.87 2.82 -2.52
CA ILE A 897 -3.70 3.56 -1.53
C ILE A 897 -5.14 3.67 -2.09
N SER A 898 -6.15 3.20 -1.34
CA SER A 898 -7.61 3.28 -1.67
C SER A 898 -8.28 4.37 -0.80
N LEU A 899 -8.55 5.55 -1.37
CA LEU A 899 -8.82 6.77 -0.55
C LEU A 899 -10.23 6.76 0.07
N SER A 900 -11.20 5.99 -0.44
CA SER A 900 -12.62 5.99 0.05
C SER A 900 -12.90 4.89 1.08
N GLN A 901 -11.97 3.96 1.37
CA GLN A 901 -12.26 2.79 2.25
C GLN A 901 -12.28 3.23 3.72
N ALA A 902 -13.01 2.47 4.55
CA ALA A 902 -13.17 2.64 6.02
C ALA A 902 -12.50 1.46 6.72
N GLU A 903 -11.65 1.73 7.73
CA GLU A 903 -10.80 0.75 8.48
C GLU A 903 -9.79 0.07 7.52
N ALA A 904 -9.00 -0.89 8.03
CA ALA A 904 -8.12 -1.79 7.24
C ALA A 904 -8.95 -2.58 6.22
N SER A 905 -8.44 -2.73 4.99
CA SER A 905 -9.04 -3.55 3.90
C SER A 905 -7.96 -4.26 3.06
N VAL A 906 -8.36 -5.34 2.37
CA VAL A 906 -7.51 -6.17 1.46
C VAL A 906 -7.38 -5.53 0.05
N VAL A 907 -8.06 -4.42 -0.25
CA VAL A 907 -8.19 -3.86 -1.63
C VAL A 907 -6.82 -3.32 -2.05
N SER A 908 -6.16 -2.60 -1.13
CA SER A 908 -4.86 -1.92 -1.28
C SER A 908 -3.91 -2.26 -0.12
N PRO A 909 -2.57 -2.20 -0.28
CA PRO A 909 -1.65 -2.27 0.87
C PRO A 909 -1.88 -1.19 1.94
N PHE A 910 -2.09 0.08 1.56
CA PHE A 910 -2.10 1.28 2.44
C PHE A 910 -3.47 2.00 2.34
N THR A 911 -4.54 1.38 2.85
CA THR A 911 -5.91 1.98 2.89
C THR A 911 -5.87 3.32 3.65
N SER A 912 -6.60 4.33 3.17
CA SER A 912 -6.83 5.64 3.85
C SER A 912 -8.31 5.78 4.15
N SER A 913 -8.65 6.67 5.11
CA SER A 913 -10.02 7.13 5.41
C SER A 913 -10.23 8.63 5.10
N MET A 914 -9.20 9.39 4.67
CA MET A 914 -9.34 10.80 4.17
C MET A 914 -9.58 10.76 2.65
N ALA A 915 -10.61 11.45 2.16
CA ALA A 915 -10.99 11.51 0.73
C ALA A 915 -10.24 12.69 0.10
N SER A 916 -8.92 12.54 -0.08
CA SER A 916 -8.03 13.53 -0.76
C SER A 916 -6.68 12.90 -1.19
N ILE A 917 -5.93 13.65 -1.99
CA ILE A 917 -4.54 13.31 -2.42
C ILE A 917 -3.57 13.69 -1.29
N GLU A 918 -4.03 14.43 -0.24
CA GLU A 918 -3.18 14.90 0.90
C GLU A 918 -2.52 13.72 1.65
N CYS A 919 -3.14 12.53 1.63
CA CYS A 919 -2.55 11.22 2.05
C CYS A 919 -1.16 10.95 1.42
N VAL A 920 -1.01 11.12 0.09
CA VAL A 920 0.15 10.60 -0.69
C VAL A 920 1.46 11.24 -0.21
N PRO A 921 1.59 12.60 -0.05
CA PRO A 921 2.76 13.22 0.57
C PRO A 921 3.12 12.60 1.93
N MET A 922 2.12 12.35 2.79
CA MET A 922 2.29 11.75 4.15
C MET A 922 2.86 10.32 4.04
N VAL A 923 2.35 9.48 3.13
CA VAL A 923 2.89 8.10 2.86
C VAL A 923 4.36 8.17 2.40
N ILE A 924 4.76 9.16 1.59
CA ILE A 924 6.18 9.35 1.16
C ILE A 924 6.98 9.84 2.38
N ARG A 925 6.52 10.93 3.03
CA ARG A 925 7.25 11.64 4.12
C ARG A 925 7.58 10.68 5.26
N GLU A 926 6.63 9.83 5.66
CA GLU A 926 6.85 8.83 6.75
C GLU A 926 7.84 7.76 6.30
N GLY A 927 7.68 7.25 5.07
CA GLY A 927 8.57 6.25 4.45
C GLY A 927 10.03 6.67 4.47
N ARG A 928 10.32 7.91 4.06
CA ARG A 928 11.69 8.49 4.04
C ARG A 928 12.26 8.56 5.47
N CYS A 929 11.42 8.96 6.45
CA CYS A 929 11.75 8.97 7.91
C CYS A 929 12.08 7.54 8.37
N SER A 930 11.22 6.56 8.06
CA SER A 930 11.43 5.13 8.46
C SER A 930 12.71 4.58 7.83
N LEU A 931 13.00 4.92 6.57
CA LEU A 931 14.24 4.49 5.88
C LEU A 931 15.45 5.15 6.55
N ASP A 932 15.38 6.46 6.89
CA ASP A 932 16.49 7.16 7.61
C ASP A 932 16.63 6.64 9.05
N THR A 933 15.53 6.33 9.75
CA THR A 933 15.49 5.73 11.13
C THR A 933 16.15 4.35 11.10
N SER A 934 15.78 3.49 10.14
CA SER A 934 16.38 2.14 9.95
C SER A 934 17.91 2.26 9.77
N PHE A 935 18.37 3.22 8.95
CA PHE A 935 19.81 3.44 8.66
C PHE A 935 20.50 4.06 9.89
N SER A 936 19.87 5.01 10.60
CA SER A 936 20.41 5.63 11.84
C SER A 936 20.55 4.58 12.94
N VAL A 937 19.51 3.78 13.21
CA VAL A 937 19.51 2.76 14.31
C VAL A 937 20.59 1.69 14.02
N PHE A 938 20.69 1.19 12.77
CA PHE A 938 21.74 0.24 12.30
C PHE A 938 23.14 0.84 12.54
N LYS A 939 23.37 2.08 12.08
CA LYS A 939 24.70 2.75 12.13
C LYS A 939 25.07 3.03 13.60
N TYR A 940 24.12 3.45 14.47
CA TYR A 940 24.35 3.61 15.94
C TYR A 940 24.66 2.25 16.57
N MET A 941 23.94 1.17 16.23
CA MET A 941 24.18 -0.19 16.80
C MET A 941 25.60 -0.67 16.46
N ALA A 942 26.08 -0.46 15.22
CA ALA A 942 27.47 -0.73 14.81
C ALA A 942 28.45 0.11 15.65
N LEU A 943 28.20 1.42 15.77
CA LEU A 943 29.08 2.37 16.52
C LEU A 943 29.23 1.93 17.98
N TYR A 944 28.13 1.56 18.65
CA TYR A 944 28.10 1.06 20.05
C TYR A 944 29.00 -0.18 20.16
N SER A 945 28.82 -1.18 19.27
CA SER A 945 29.52 -2.50 19.32
C SER A 945 31.03 -2.29 19.19
N LEU A 946 31.47 -1.49 18.20
CA LEU A 946 32.90 -1.12 18.00
C LEU A 946 33.42 -0.28 19.19
N THR A 947 32.62 0.67 19.73
CA THR A 947 32.97 1.44 20.96
C THR A 947 33.15 0.47 22.15
N GLN A 948 32.30 -0.56 22.28
CA GLN A 948 32.47 -1.64 23.30
C GLN A 948 33.78 -2.40 23.00
N PHE A 949 34.00 -2.79 21.74
CA PHE A 949 35.17 -3.58 21.27
C PHE A 949 36.47 -2.87 21.67
N ILE A 950 36.60 -1.57 21.33
CA ILE A 950 37.77 -0.70 21.68
C ILE A 950 37.95 -0.69 23.21
N SER A 951 36.87 -0.50 23.99
CA SER A 951 36.91 -0.37 25.47
C SER A 951 37.38 -1.69 26.09
N VAL A 952 36.68 -2.79 25.80
CA VAL A 952 37.00 -4.18 26.28
C VAL A 952 38.44 -4.55 25.88
N LEU A 953 38.89 -4.22 24.65
CA LEU A 953 40.28 -4.51 24.16
C LEU A 953 41.28 -3.67 24.98
N ILE A 954 41.09 -2.34 25.10
CA ILE A 954 42.03 -1.45 25.87
C ILE A 954 42.29 -2.11 27.22
N LEU A 955 41.23 -2.57 27.89
CA LEU A 955 41.31 -3.37 29.13
C LEU A 955 41.99 -4.74 28.91
N TYR A 956 41.70 -5.48 27.83
CA TYR A 956 42.29 -6.84 27.60
C TYR A 956 43.82 -6.78 27.50
N THR A 957 44.39 -5.87 26.67
CA THR A 957 45.85 -5.57 26.63
C THR A 957 46.34 -5.21 28.04
N ILE A 958 45.63 -4.27 28.70
CA ILE A 958 46.12 -3.62 29.94
C ILE A 958 45.59 -4.50 31.09
N ASN A 959 46.40 -5.46 31.52
CA ASN A 959 46.21 -6.21 32.79
C ASN A 959 45.02 -7.19 32.72
N THR A 960 44.46 -7.53 31.53
CA THR A 960 43.46 -8.61 31.33
C THR A 960 42.22 -8.39 32.21
N ASN A 961 41.63 -7.18 32.21
CA ASN A 961 40.47 -6.81 33.07
C ASN A 961 39.23 -6.49 32.23
N LEU A 962 38.06 -6.55 32.88
CA LEU A 962 36.68 -6.31 32.33
C LEU A 962 35.74 -5.87 33.48
N GLY A 963 34.41 -5.83 33.23
CA GLY A 963 33.34 -5.61 34.23
C GLY A 963 32.12 -6.49 33.99
N ASP A 964 31.27 -6.59 35.02
CA ASP A 964 30.10 -7.50 35.12
C ASP A 964 28.86 -6.61 35.24
N LEU A 965 28.67 -6.00 36.41
CA LEU A 965 27.50 -5.15 36.76
C LEU A 965 27.49 -3.91 35.86
N GLN A 966 28.69 -3.31 35.65
CA GLN A 966 29.01 -2.22 34.67
C GLN A 966 28.46 -2.57 33.26
N PHE A 967 28.63 -3.81 32.79
CA PHE A 967 28.24 -4.24 31.42
C PHE A 967 26.70 -4.32 31.34
N LEU A 968 26.05 -4.91 32.36
CA LEU A 968 24.56 -4.89 32.51
C LEU A 968 24.08 -3.44 32.42
N ALA A 969 24.68 -2.52 33.19
CA ALA A 969 24.30 -1.08 33.25
C ALA A 969 24.37 -0.46 31.84
N ILE A 970 25.52 -0.59 31.15
CA ILE A 970 25.72 -0.05 29.76
C ILE A 970 24.68 -0.66 28.81
N ASP A 971 24.58 -1.99 28.74
CA ASP A 971 23.80 -2.66 27.67
C ASP A 971 22.29 -2.49 27.98
N LEU A 972 21.86 -2.80 29.21
CA LEU A 972 20.42 -2.80 29.60
C LEU A 972 19.85 -1.38 29.69
N VAL A 973 20.57 -0.40 30.28
CA VAL A 973 19.99 0.96 30.57
C VAL A 973 20.50 1.93 29.49
N ILE A 974 21.81 2.12 29.31
CA ILE A 974 22.36 3.23 28.45
C ILE A 974 21.95 2.98 26.98
N THR A 975 22.13 1.78 26.44
CA THR A 975 22.06 1.49 24.98
C THR A 975 20.64 1.05 24.59
N THR A 976 20.07 0.04 25.27
CA THR A 976 18.71 -0.49 24.94
C THR A 976 17.67 0.63 25.08
N THR A 977 17.68 1.41 26.17
CA THR A 977 16.73 2.56 26.39
C THR A 977 16.91 3.57 25.26
N VAL A 978 18.14 4.04 24.98
CA VAL A 978 18.41 5.07 23.91
C VAL A 978 17.94 4.53 22.55
N ALA A 979 18.21 3.25 22.23
CA ALA A 979 17.94 2.61 20.92
C ALA A 979 16.44 2.59 20.59
N VAL A 980 15.62 2.03 21.49
CA VAL A 980 14.13 2.00 21.38
C VAL A 980 13.62 3.45 21.25
N LEU A 981 14.00 4.33 22.18
CA LEU A 981 13.51 5.74 22.24
C LEU A 981 13.97 6.58 21.03
N MET A 982 15.11 6.31 20.38
CA MET A 982 15.56 7.12 19.21
C MET A 982 14.70 6.85 17.95
N SER A 983 13.86 5.80 17.93
CA SER A 983 13.02 5.39 16.77
C SER A 983 11.64 6.08 16.75
N ARG A 984 11.35 7.10 17.59
CA ARG A 984 10.00 7.77 17.68
C ARG A 984 10.09 9.28 17.36
N THR A 985 11.09 9.74 16.59
CA THR A 985 11.31 11.19 16.25
C THR A 985 10.13 11.70 15.40
N GLY A 986 9.73 10.94 14.36
CA GLY A 986 8.64 11.28 13.43
C GLY A 986 9.13 12.08 12.21
N PRO A 987 8.29 12.21 11.15
CA PRO A 987 8.76 12.71 9.84
C PRO A 987 8.98 14.23 9.80
N ALA A 988 9.80 14.67 8.84
CA ALA A 988 9.98 16.10 8.46
C ALA A 988 8.66 16.70 7.95
N LEU A 989 8.50 18.02 8.11
CA LEU A 989 7.28 18.81 7.73
C LEU A 989 7.09 18.82 6.20
N VAL A 990 8.16 18.97 5.41
CA VAL A 990 8.11 19.26 3.94
C VAL A 990 8.86 18.15 3.18
N LEU A 991 8.23 17.60 2.13
CA LEU A 991 8.86 16.56 1.25
C LEU A 991 9.99 17.24 0.46
N GLY A 992 11.14 16.57 0.32
CA GLY A 992 12.44 17.15 -0.14
C GLY A 992 12.90 16.60 -1.48
N ARG A 993 13.72 17.37 -2.21
CA ARG A 993 14.32 17.02 -3.53
C ARG A 993 15.21 15.78 -3.38
N VAL A 994 16.09 15.76 -2.37
CA VAL A 994 17.11 14.66 -2.16
C VAL A 994 16.38 13.39 -1.69
N ARG A 995 16.61 12.27 -2.39
CA ARG A 995 16.01 10.94 -2.07
C ARG A 995 16.80 10.33 -0.90
N PRO A 996 16.16 9.58 0.05
CA PRO A 996 16.87 9.03 1.21
C PRO A 996 17.94 8.01 0.79
N PRO A 997 19.17 8.03 1.37
CA PRO A 997 20.25 7.12 0.95
C PRO A 997 19.87 5.65 1.24
N GLY A 998 20.10 4.76 0.26
CA GLY A 998 19.48 3.42 0.16
C GLY A 998 20.44 2.23 0.34
N ALA A 999 21.75 2.45 0.54
CA ALA A 999 22.78 1.39 0.75
C ALA A 999 23.48 1.63 2.09
N LEU A 1000 23.43 0.66 3.02
CA LEU A 1000 24.09 0.78 4.36
C LEU A 1000 25.62 0.80 4.14
N LEU A 1001 26.17 -0.11 3.32
CA LEU A 1001 27.59 -0.13 2.89
C LEU A 1001 27.83 0.98 1.85
N SER A 1002 27.77 2.24 2.27
CA SER A 1002 28.13 3.44 1.45
C SER A 1002 29.46 3.99 1.97
N VAL A 1003 30.16 4.74 1.12
CA VAL A 1003 31.46 5.41 1.43
C VAL A 1003 31.25 6.43 2.55
N PRO A 1004 30.26 7.38 2.50
CA PRO A 1004 29.97 8.28 3.62
C PRO A 1004 29.71 7.59 4.97
N VAL A 1005 28.86 6.56 4.98
CA VAL A 1005 28.49 5.78 6.20
C VAL A 1005 29.75 5.10 6.74
N LEU A 1006 30.48 4.36 5.89
CA LEU A 1006 31.73 3.63 6.26
C LEU A 1006 32.76 4.63 6.82
N SER A 1007 33.01 5.73 6.09
CA SER A 1007 33.87 6.88 6.50
C SER A 1007 33.47 7.37 7.90
N SER A 1008 32.18 7.71 8.08
CA SER A 1008 31.61 8.32 9.32
C SER A 1008 31.89 7.42 10.53
N LEU A 1009 31.54 6.13 10.41
CA LEU A 1009 31.76 5.09 11.46
C LEU A 1009 33.26 4.96 11.79
N LEU A 1010 34.10 4.77 10.78
CA LEU A 1010 35.57 4.55 10.94
C LEU A 1010 36.22 5.79 11.59
N LEU A 1011 35.95 6.99 11.06
CA LEU A 1011 36.47 8.28 11.60
C LEU A 1011 36.02 8.48 13.05
N GLN A 1012 34.74 8.22 13.37
CA GLN A 1012 34.20 8.40 14.76
C GLN A 1012 34.90 7.45 15.74
N MET A 1013 35.08 6.17 15.37
CA MET A 1013 35.74 5.13 16.22
C MET A 1013 37.19 5.54 16.54
N VAL A 1014 37.92 6.13 15.58
CA VAL A 1014 39.27 6.76 15.80
C VAL A 1014 39.15 7.82 16.92
N LEU A 1015 38.15 8.71 16.85
CA LEU A 1015 37.94 9.78 17.88
C LEU A 1015 37.58 9.14 19.23
N VAL A 1016 36.73 8.10 19.24
CA VAL A 1016 36.36 7.29 20.45
C VAL A 1016 37.65 6.80 21.12
N THR A 1017 38.50 6.10 20.37
CA THR A 1017 39.80 5.53 20.84
C THR A 1017 40.72 6.64 21.36
N GLY A 1018 40.86 7.76 20.62
CA GLY A 1018 41.72 8.92 20.96
C GLY A 1018 41.49 9.40 22.39
N VAL A 1019 40.23 9.73 22.71
CA VAL A 1019 39.77 10.14 24.08
C VAL A 1019 39.98 8.96 25.05
N GLN A 1020 39.62 7.73 24.66
CA GLN A 1020 39.67 6.51 25.53
C GLN A 1020 41.12 6.23 25.96
N LEU A 1021 42.05 6.15 24.99
CA LEU A 1021 43.51 5.99 25.23
C LEU A 1021 44.03 7.21 26.02
N GLY A 1022 43.74 8.43 25.55
CA GLY A 1022 44.08 9.71 26.21
C GLY A 1022 43.77 9.69 27.71
N GLY A 1023 42.55 9.24 28.06
CA GLY A 1023 42.07 8.95 29.42
C GLY A 1023 43.03 8.08 30.22
N TYR A 1024 43.42 6.94 29.67
CA TYR A 1024 44.29 5.91 30.34
C TYR A 1024 45.68 6.52 30.58
N PHE A 1025 46.27 7.15 29.56
CA PHE A 1025 47.57 7.88 29.64
C PHE A 1025 47.50 8.94 30.75
N LEU A 1026 46.45 9.76 30.77
CA LEU A 1026 46.19 10.79 31.83
C LEU A 1026 46.09 10.11 33.21
N THR A 1027 45.36 8.99 33.30
CA THR A 1027 45.11 8.23 34.57
C THR A 1027 46.45 7.72 35.12
N LEU A 1028 47.20 6.98 34.31
CA LEU A 1028 48.56 6.45 34.69
C LEU A 1028 49.49 7.61 35.04
N ALA A 1029 49.51 8.68 34.22
CA ALA A 1029 50.30 9.91 34.44
C ALA A 1029 49.93 10.63 35.74
N GLN A 1030 48.70 10.48 36.28
CA GLN A 1030 48.27 11.21 37.51
C GLN A 1030 49.26 10.92 38.65
N PRO A 1031 49.79 11.97 39.34
CA PRO A 1031 50.87 11.79 40.32
C PRO A 1031 50.44 10.94 41.53
N TRP A 1032 49.23 11.15 42.04
CA TRP A 1032 48.56 10.30 43.09
C TRP A 1032 48.29 8.86 42.60
N PHE A 1033 48.25 8.55 41.29
CA PHE A 1033 47.84 7.23 40.72
C PHE A 1033 48.67 6.09 41.35
N VAL A 1034 47.97 5.05 41.83
CA VAL A 1034 48.55 3.79 42.42
C VAL A 1034 48.41 2.73 41.30
N PRO A 1035 49.51 2.09 40.83
CA PRO A 1035 49.42 1.08 39.76
C PRO A 1035 48.70 -0.21 40.24
N LEU A 1036 47.90 -0.79 39.35
CA LEU A 1036 46.99 -1.93 39.67
C LEU A 1036 47.80 -3.23 39.71
N ASN A 1037 47.31 -4.22 40.45
CA ASN A 1037 48.06 -5.41 40.94
C ASN A 1037 48.53 -6.28 39.76
N ARG A 1038 47.62 -6.64 38.84
CA ARG A 1038 47.88 -7.37 37.57
C ARG A 1038 48.59 -8.73 37.87
N THR A 1039 48.10 -9.46 38.87
CA THR A 1039 48.57 -10.82 39.27
C THR A 1039 47.38 -11.82 39.38
N VAL A 1040 46.13 -11.45 39.04
CA VAL A 1040 44.90 -12.22 39.43
C VAL A 1040 43.80 -12.07 38.35
N ALA A 1041 42.89 -13.05 38.29
CA ALA A 1041 41.79 -13.19 37.29
C ALA A 1041 40.81 -12.00 37.35
N ALA A 1042 40.33 -11.57 36.17
CA ALA A 1042 39.35 -10.47 35.94
C ALA A 1042 38.14 -10.57 36.87
N PRO A 1043 37.41 -11.72 36.97
CA PRO A 1043 36.32 -11.87 37.96
C PRO A 1043 36.77 -11.73 39.42
N ASP A 1044 37.99 -12.20 39.74
CA ASP A 1044 38.56 -12.17 41.11
C ASP A 1044 38.92 -10.72 41.48
N ASN A 1045 39.50 -9.94 40.55
CA ASN A 1045 39.85 -8.49 40.78
C ASN A 1045 38.57 -7.65 40.63
N LEU A 1046 37.72 -7.63 41.67
CA LEU A 1046 36.43 -6.90 41.66
C LEU A 1046 36.68 -5.39 41.57
N PRO A 1047 37.62 -4.77 42.33
CA PRO A 1047 38.06 -3.39 42.09
C PRO A 1047 39.36 -3.29 41.27
N ASN A 1048 39.33 -2.57 40.14
CA ASN A 1048 40.52 -2.16 39.34
C ASN A 1048 40.43 -0.66 39.06
N TYR A 1049 41.54 0.05 39.30
CA TYR A 1049 41.66 1.54 39.16
C TYR A 1049 41.41 1.93 37.70
N GLU A 1050 41.88 1.13 36.74
CA GLU A 1050 41.65 1.36 35.28
C GLU A 1050 40.18 1.19 34.90
N ASN A 1051 39.48 0.18 35.45
CA ASN A 1051 38.05 -0.12 35.15
C ASN A 1051 37.22 1.13 35.42
N THR A 1052 37.42 1.75 36.60
CA THR A 1052 36.82 3.05 37.04
C THR A 1052 36.94 4.09 35.92
N VAL A 1053 38.15 4.35 35.41
CA VAL A 1053 38.42 5.45 34.42
C VAL A 1053 37.77 5.04 33.08
N VAL A 1054 38.08 3.83 32.58
CA VAL A 1054 37.70 3.36 31.20
C VAL A 1054 36.17 3.32 31.10
N PHE A 1055 35.48 2.67 32.06
CA PHE A 1055 33.99 2.64 32.14
C PHE A 1055 33.46 4.08 32.21
N SER A 1056 33.97 4.91 33.14
CA SER A 1056 33.46 6.28 33.41
C SER A 1056 33.57 7.15 32.15
N LEU A 1057 34.70 7.07 31.42
CA LEU A 1057 34.85 7.81 30.13
C LEU A 1057 33.91 7.20 29.07
N SER A 1058 33.83 5.86 28.97
CA SER A 1058 33.11 5.18 27.86
C SER A 1058 31.59 5.36 27.99
N SER A 1059 31.03 5.23 29.22
CA SER A 1059 29.57 5.33 29.55
C SER A 1059 28.89 6.48 28.83
N PHE A 1060 29.46 7.68 28.93
CA PHE A 1060 28.89 8.96 28.43
C PHE A 1060 28.94 8.91 26.89
N GLN A 1061 30.08 8.46 26.34
CA GLN A 1061 30.36 8.44 24.87
C GLN A 1061 29.33 7.52 24.17
N TYR A 1062 28.95 6.37 24.78
CA TYR A 1062 27.83 5.50 24.28
C TYR A 1062 26.56 6.34 24.07
N LEU A 1063 26.19 7.20 25.04
CA LEU A 1063 25.02 8.12 24.92
C LEU A 1063 25.26 9.11 23.77
N ILE A 1064 26.44 9.78 23.76
CA ILE A 1064 26.80 10.85 22.79
C ILE A 1064 26.57 10.35 21.35
N LEU A 1065 26.99 9.11 21.04
CA LEU A 1065 26.88 8.48 19.68
C LEU A 1065 25.46 8.65 19.12
N ALA A 1066 24.42 8.35 19.91
CA ALA A 1066 22.98 8.42 19.51
C ALA A 1066 22.60 9.83 19.04
N ALA A 1067 23.02 10.86 19.79
CA ALA A 1067 22.77 12.30 19.51
C ALA A 1067 23.44 12.70 18.20
N ALA A 1068 24.72 12.35 18.00
CA ALA A 1068 25.47 12.58 16.73
C ALA A 1068 24.82 11.81 15.57
N VAL A 1069 24.48 10.52 15.77
CA VAL A 1069 23.84 9.60 14.77
C VAL A 1069 22.49 10.19 14.30
N SER A 1070 21.66 10.74 15.21
CA SER A 1070 20.26 11.18 14.96
C SER A 1070 20.20 12.04 13.69
N LYS A 1071 21.06 13.08 13.60
CA LYS A 1071 21.29 13.93 12.40
C LYS A 1071 19.93 14.41 11.82
N GLY A 1072 18.98 14.80 12.68
CA GLY A 1072 17.56 14.97 12.31
C GLY A 1072 17.31 16.28 11.60
N ALA A 1073 17.20 16.26 10.25
CA ALA A 1073 16.96 17.45 9.39
C ALA A 1073 16.21 17.09 8.11
N PRO A 1074 16.78 16.39 7.08
CA PRO A 1074 16.15 16.26 5.76
C PRO A 1074 14.85 15.43 5.76
N PHE A 1075 14.88 14.27 6.43
CA PHE A 1075 13.81 13.24 6.47
C PHE A 1075 13.14 13.17 7.87
N ARG A 1076 13.81 13.60 8.95
CA ARG A 1076 13.33 13.56 10.36
C ARG A 1076 13.40 14.95 10.98
N ARG A 1077 12.53 15.20 11.97
CA ARG A 1077 12.41 16.50 12.69
C ARG A 1077 13.57 16.57 13.70
N PRO A 1078 13.93 17.76 14.25
CA PRO A 1078 15.02 17.88 15.23
C PRO A 1078 14.84 17.00 16.48
N LEU A 1079 15.93 16.48 17.04
CA LEU A 1079 15.94 15.40 18.08
C LEU A 1079 15.06 15.77 19.28
N TYR A 1080 15.17 17.02 19.77
CA TYR A 1080 14.40 17.58 20.92
C TYR A 1080 12.90 17.26 20.82
N THR A 1081 12.30 17.41 19.62
CA THR A 1081 10.85 17.14 19.35
C THR A 1081 10.43 15.73 19.79
N ASN A 1082 11.35 14.73 19.75
CA ASN A 1082 11.08 13.33 20.19
C ASN A 1082 10.38 13.35 21.56
N VAL A 1083 11.01 13.97 22.57
CA VAL A 1083 10.56 14.18 23.98
C VAL A 1083 10.93 12.97 24.88
N PRO A 1084 10.30 11.76 24.84
CA PRO A 1084 10.71 10.65 25.72
C PRO A 1084 12.20 10.28 25.66
N PHE A 1085 12.79 10.21 24.46
CA PHE A 1085 14.26 10.07 24.23
C PHE A 1085 15.00 11.21 24.95
N LEU A 1086 14.60 12.47 24.69
CA LEU A 1086 15.35 13.69 25.14
C LEU A 1086 15.41 13.69 26.67
N VAL A 1087 14.30 13.41 27.35
CA VAL A 1087 14.21 13.25 28.84
C VAL A 1087 15.17 12.14 29.29
N ALA A 1088 15.12 10.95 28.65
CA ALA A 1088 15.93 9.76 29.02
C ALA A 1088 17.43 10.06 28.86
N LEU A 1089 17.82 10.65 27.72
CA LEU A 1089 19.21 11.10 27.39
C LEU A 1089 19.73 11.99 28.53
N ALA A 1090 19.00 13.07 28.85
CA ALA A 1090 19.33 14.04 29.93
C ALA A 1090 19.37 13.34 31.29
N LEU A 1091 18.36 12.53 31.63
CA LEU A 1091 18.22 11.78 32.92
C LEU A 1091 19.43 10.87 33.13
N LEU A 1092 19.69 9.96 32.17
CA LEU A 1092 20.85 9.02 32.20
C LEU A 1092 22.17 9.80 32.26
N SER A 1093 22.32 10.88 31.46
CA SER A 1093 23.51 11.79 31.50
C SER A 1093 23.67 12.36 32.92
N SER A 1094 22.58 12.85 33.53
CA SER A 1094 22.57 13.43 34.91
C SER A 1094 22.99 12.39 35.95
N VAL A 1095 22.37 11.19 35.90
CA VAL A 1095 22.70 10.03 36.79
C VAL A 1095 24.19 9.70 36.67
N LEU A 1096 24.70 9.56 35.44
CA LEU A 1096 26.13 9.28 35.12
C LEU A 1096 27.02 10.43 35.65
N VAL A 1097 26.66 11.71 35.42
CA VAL A 1097 27.41 12.91 35.93
C VAL A 1097 27.49 12.83 37.46
N GLY A 1098 26.34 12.64 38.12
CA GLY A 1098 26.19 12.43 39.57
C GLY A 1098 27.09 11.32 40.08
N LEU A 1099 27.06 10.15 39.41
CA LEU A 1099 27.86 8.94 39.77
C LEU A 1099 29.36 9.23 39.61
N VAL A 1100 29.79 9.79 38.46
CA VAL A 1100 31.24 10.02 38.16
C VAL A 1100 31.82 11.01 39.18
N LEU A 1101 31.07 12.08 39.53
CA LEU A 1101 31.49 13.04 40.60
C LEU A 1101 31.46 12.35 41.98
N VAL A 1102 30.37 11.64 42.32
CA VAL A 1102 30.17 10.99 43.65
C VAL A 1102 29.40 9.67 43.47
N PRO A 1103 30.06 8.48 43.37
CA PRO A 1103 29.34 7.21 43.23
C PRO A 1103 28.55 6.83 44.50
N GLY A 1104 29.05 7.19 45.70
CA GLY A 1104 28.41 6.93 47.01
C GLY A 1104 28.05 5.46 47.19
N LEU A 1105 26.79 5.16 47.52
CA LEU A 1105 26.19 3.79 47.56
C LEU A 1105 26.52 3.01 46.26
N LEU A 1106 26.33 3.62 45.08
CA LEU A 1106 26.47 2.95 43.75
C LEU A 1106 27.91 2.47 43.51
N GLN A 1107 28.92 3.10 44.14
CA GLN A 1107 30.36 2.67 44.12
C GLN A 1107 30.47 1.14 44.29
N GLY A 1108 29.82 0.59 45.31
CA GLY A 1108 29.85 -0.84 45.68
C GLY A 1108 29.35 -1.75 44.55
N PRO A 1109 28.08 -1.58 44.09
CA PRO A 1109 27.58 -2.25 42.87
C PRO A 1109 28.41 -2.04 41.60
N LEU A 1110 28.79 -0.79 41.32
CA LEU A 1110 29.65 -0.42 40.14
C LEU A 1110 31.06 -1.01 40.26
N ALA A 1111 31.53 -1.40 41.46
CA ALA A 1111 32.90 -1.90 41.76
C ALA A 1111 33.92 -0.78 41.48
N LEU A 1112 33.51 0.48 41.66
CA LEU A 1112 34.31 1.69 41.29
C LEU A 1112 35.39 1.86 42.37
N ARG A 1113 36.60 2.26 41.99
CA ARG A 1113 37.71 2.66 42.90
C ARG A 1113 37.61 4.16 43.16
N ASN A 1114 37.10 4.56 44.35
CA ASN A 1114 36.89 5.98 44.77
C ASN A 1114 38.16 6.80 44.52
N ILE A 1115 38.01 7.95 43.86
CA ILE A 1115 39.08 8.92 43.52
C ILE A 1115 38.64 10.25 44.18
N THR A 1116 39.39 10.71 45.18
CA THR A 1116 39.11 11.97 45.93
C THR A 1116 39.39 13.20 45.06
N ASP A 1117 40.46 13.19 44.23
CA ASP A 1117 40.95 14.37 43.46
C ASP A 1117 39.84 14.87 42.52
N THR A 1118 39.45 16.13 42.68
CA THR A 1118 38.45 16.84 41.81
C THR A 1118 39.04 17.06 40.42
N GLY A 1119 40.30 17.52 40.34
CA GLY A 1119 41.01 17.94 39.11
C GLY A 1119 40.95 16.90 38.01
N PHE A 1120 41.28 15.64 38.32
CA PHE A 1120 41.23 14.52 37.33
C PHE A 1120 39.77 14.27 36.90
N LYS A 1121 38.79 14.35 37.82
CA LYS A 1121 37.34 14.19 37.49
C LYS A 1121 36.93 15.26 36.47
N LEU A 1122 37.28 16.54 36.72
CA LEU A 1122 37.07 17.68 35.77
C LEU A 1122 37.80 17.43 34.44
N LEU A 1123 39.05 16.92 34.48
CA LEU A 1123 39.83 16.50 33.27
C LEU A 1123 39.03 15.45 32.48
N LEU A 1124 38.47 14.45 33.17
CA LEU A 1124 37.64 13.35 32.60
C LEU A 1124 36.36 13.95 31.97
N LEU A 1125 35.65 14.82 32.70
CA LEU A 1125 34.43 15.54 32.20
C LEU A 1125 34.79 16.36 30.94
N GLY A 1126 35.90 17.11 30.98
CA GLY A 1126 36.50 17.83 29.84
C GLY A 1126 36.70 16.95 28.61
N LEU A 1127 37.31 15.75 28.80
CA LEU A 1127 37.59 14.77 27.70
C LEU A 1127 36.26 14.32 27.06
N VAL A 1128 35.25 13.96 27.87
CA VAL A 1128 33.89 13.55 27.37
C VAL A 1128 33.28 14.72 26.58
N THR A 1129 33.31 15.94 27.11
CA THR A 1129 32.79 17.19 26.46
C THR A 1129 33.50 17.40 25.11
N LEU A 1130 34.84 17.30 25.09
CA LEU A 1130 35.69 17.36 23.87
C LEU A 1130 35.25 16.30 22.85
N ASN A 1131 35.09 15.03 23.29
CA ASN A 1131 34.65 13.89 22.43
C ASN A 1131 33.26 14.23 21.87
N PHE A 1132 32.34 14.72 22.72
CA PHE A 1132 30.95 15.11 22.36
C PHE A 1132 30.97 16.18 21.26
N VAL A 1133 31.73 17.27 21.48
CA VAL A 1133 31.94 18.36 20.47
C VAL A 1133 32.49 17.72 19.19
N GLY A 1134 33.52 16.86 19.31
CA GLY A 1134 34.17 16.12 18.22
C GLY A 1134 33.18 15.33 17.37
N ALA A 1135 32.31 14.52 18.01
CA ALA A 1135 31.30 13.66 17.35
C ALA A 1135 30.32 14.52 16.55
N PHE A 1136 29.78 15.58 17.17
CA PHE A 1136 28.87 16.56 16.52
C PHE A 1136 29.57 17.22 15.33
N MET A 1137 30.81 17.71 15.53
CA MET A 1137 31.66 18.34 14.46
C MET A 1137 31.86 17.36 13.29
N LEU A 1138 32.17 16.08 13.57
CA LEU A 1138 32.48 15.04 12.55
C LEU A 1138 31.26 14.80 11.64
N GLU A 1139 30.06 14.65 12.22
CA GLU A 1139 28.82 14.35 11.45
C GLU A 1139 28.43 15.57 10.59
N SER A 1140 28.50 16.79 11.14
CA SER A 1140 28.29 18.06 10.38
C SER A 1140 29.32 18.17 9.23
N VAL A 1141 30.60 17.90 9.52
CA VAL A 1141 31.72 17.84 8.52
C VAL A 1141 31.37 16.83 7.42
N LEU A 1142 30.90 15.63 7.80
CA LEU A 1142 30.52 14.52 6.86
C LEU A 1142 29.47 15.00 5.84
N ASP A 1143 28.40 15.68 6.32
CA ASP A 1143 27.33 16.28 5.47
C ASP A 1143 27.95 17.29 4.49
N GLN A 1144 28.79 18.22 4.99
CA GLN A 1144 29.46 19.28 4.18
C GLN A 1144 30.46 18.68 3.18
N CYS A 1145 31.21 17.64 3.57
CA CYS A 1145 32.33 17.04 2.78
C CYS A 1145 31.83 16.24 1.57
N LEU A 1146 30.65 15.59 1.65
CA LEU A 1146 30.06 14.67 0.61
C LEU A 1146 30.21 15.20 -0.82
N PRO A 1147 29.82 16.46 -1.17
CA PRO A 1147 29.96 16.97 -2.55
C PRO A 1147 31.38 16.86 -3.15
N ALA A 1148 32.38 17.39 -2.43
CA ALA A 1148 33.81 17.40 -2.83
C ALA A 1148 34.27 15.95 -3.08
N CYS A 1149 34.04 15.06 -2.11
CA CYS A 1149 34.29 13.58 -2.18
C CYS A 1149 33.64 12.98 -3.43
N LEU A 1150 32.32 13.20 -3.60
CA LEU A 1150 31.50 12.61 -4.71
C LEU A 1150 32.06 13.08 -6.06
N ARG A 1151 32.31 14.40 -6.23
CA ARG A 1151 32.81 15.00 -7.50
C ARG A 1151 34.15 14.33 -7.89
N ARG A 1152 35.10 14.27 -6.96
CA ARG A 1152 36.45 13.66 -7.18
C ARG A 1152 36.34 12.16 -7.44
N LEU A 1153 35.60 11.41 -6.60
CA LEU A 1153 35.42 9.93 -6.71
C LEU A 1153 34.76 9.57 -8.05
N ARG A 1154 33.72 10.30 -8.47
CA ARG A 1154 33.04 10.10 -9.78
C ARG A 1154 32.64 11.45 -10.40
N PRO A 1155 33.30 11.95 -11.48
CA PRO A 1155 32.88 13.20 -12.14
C PRO A 1155 31.50 13.05 -12.81
N LYS A 1156 31.28 11.95 -13.52
CA LYS A 1156 29.96 11.58 -14.14
C LYS A 1156 29.78 10.05 -14.14
N ARG A 1157 28.52 9.59 -14.09
CA ARG A 1157 28.12 8.16 -14.05
C ARG A 1157 26.77 7.97 -14.76
N ALA A 1158 26.47 6.72 -15.16
CA ALA A 1158 25.25 6.30 -15.87
C ALA A 1158 24.56 5.16 -15.10
N SER A 1159 23.30 5.35 -14.68
CA SER A 1159 22.52 4.39 -13.87
C SER A 1159 22.16 3.17 -14.72
N LYS A 1160 22.34 1.95 -14.19
CA LYS A 1160 21.95 0.66 -14.83
C LYS A 1160 20.43 0.60 -15.11
N LYS A 1161 19.59 1.21 -14.27
CA LYS A 1161 18.10 1.26 -14.40
C LYS A 1161 17.70 1.94 -15.72
N ARG A 1162 16.76 1.33 -16.45
CA ARG A 1162 16.42 1.66 -17.87
C ARG A 1162 15.85 3.10 -17.95
N PHE A 1163 14.99 3.52 -17.00
CA PHE A 1163 14.31 4.85 -17.04
C PHE A 1163 15.35 5.98 -17.07
N LYS A 1164 16.41 5.88 -16.27
CA LYS A 1164 17.45 6.95 -16.17
C LYS A 1164 18.23 7.05 -17.49
N GLN A 1165 18.43 5.94 -18.22
CA GLN A 1165 19.15 5.89 -19.53
C GLN A 1165 18.23 6.48 -20.61
N LEU A 1166 17.00 5.93 -20.75
CA LEU A 1166 15.96 6.36 -21.74
C LEU A 1166 15.70 7.87 -21.62
N GLU A 1167 15.62 8.40 -20.40
CA GLU A 1167 15.56 9.87 -20.10
C GLU A 1167 16.75 10.56 -20.74
N ARG A 1168 17.97 10.10 -20.43
CA ARG A 1168 19.26 10.72 -20.88
C ARG A 1168 19.32 10.68 -22.42
N GLU A 1169 18.99 9.56 -23.06
CA GLU A 1169 18.89 9.40 -24.55
C GLU A 1169 17.94 10.47 -25.12
N LEU A 1170 16.71 10.55 -24.59
CA LEU A 1170 15.65 11.51 -25.03
C LEU A 1170 16.13 12.96 -24.91
N ALA A 1171 16.90 13.29 -23.87
CA ALA A 1171 17.57 14.61 -23.69
C ALA A 1171 18.54 14.87 -24.86
N GLU A 1172 19.36 13.89 -25.25
CA GLU A 1172 20.33 14.01 -26.38
C GLU A 1172 19.56 14.18 -27.71
N GLN A 1173 18.60 13.29 -28.02
CA GLN A 1173 17.78 13.34 -29.27
C GLN A 1173 16.30 13.22 -28.88
N PRO A 1174 15.43 14.26 -29.02
CA PRO A 1174 14.01 14.14 -28.67
C PRO A 1174 13.22 13.31 -29.69
N TRP A 1175 11.99 12.95 -29.32
CA TRP A 1175 10.97 12.35 -30.25
C TRP A 1175 10.69 13.36 -31.37
N PRO A 1176 10.47 12.92 -32.65
CA PRO A 1176 10.44 13.83 -33.81
C PRO A 1176 9.63 15.10 -33.58
N PRO A 1177 10.24 16.34 -33.55
CA PRO A 1177 9.49 17.59 -33.42
C PRO A 1177 9.30 18.34 -34.75
PG ACP B . -12.01 7.27 -13.54
O1G ACP B . -12.82 6.57 -12.48
O2G ACP B . -11.23 8.43 -12.96
O3G ACP B . -11.13 6.31 -14.30
PB ACP B . -14.60 6.98 -15.10
O1B ACP B . -15.30 7.73 -16.19
O2B ACP B . -15.41 6.78 -13.84
C3B ACP B . -13.12 7.98 -14.75
PA ACP B . -14.83 4.23 -15.96
O1A ACP B . -15.45 3.74 -14.68
O2A ACP B . -13.84 3.36 -16.65
O3A ACP B . -14.07 5.59 -15.63
O5' ACP B . -15.98 4.73 -16.97
C5' ACP B . -15.99 4.29 -18.37
C4' ACP B . -16.87 5.21 -19.19
O4' ACP B . -18.25 5.04 -18.81
C3' ACP B . -16.57 6.72 -19.09
O3' ACP B . -16.63 7.37 -20.35
C2' ACP B . -17.66 7.19 -18.13
O2' ACP B . -18.01 8.55 -18.27
C1' ACP B . -18.83 6.27 -18.47
N9 ACP B . -19.80 6.05 -17.40
C8 ACP B . -19.72 6.36 -16.06
N7 ACP B . -20.76 6.02 -15.36
C5 ACP B . -21.61 5.43 -16.28
C6 ACP B . -22.88 4.85 -16.15
N6 ACP B . -23.53 4.79 -14.98
N1 ACP B . -23.47 4.34 -17.27
C2 ACP B . -22.79 4.42 -18.43
N3 ACP B . -21.59 4.95 -18.67
C4 ACP B . -21.03 5.44 -17.55
MG MG C . -13.12 6.66 -9.65
#